data_6NRZ
#
_entry.id   6NRZ
#
_cell.length_a   96.170
_cell.length_b   57.520
_cell.length_c   139.090
_cell.angle_alpha   90.000
_cell.angle_beta   96.680
_cell.angle_gamma   90.000
#
_symmetry.space_group_name_H-M   'P 1 21 1'
#
loop_
_entity.id
_entity.type
_entity.pdbx_description
1 polymer 'Lysine--tRNA ligase'
2 non-polymer LYSINE
3 non-polymer ADENOSINE
4 non-polymer 1,2-ETHANEDIOL
5 non-polymer 'TETRAETHYLENE GLYCOL'
6 non-polymer 'SODIUM ION'
7 non-polymer 'CHLORIDE ION'
8 water water
#
_entity_poly.entity_id   1
_entity_poly.type   'polypeptide(L)'
_entity_poly.pdbx_seq_one_letter_code
;MAHHHHHHMSVEVEYLQHEDYLYRTSKLKEIRDLGINPYPYQYTDCLEVQEIRNQFVDNELGDSEAAFRKETPKVRFAGR
LVLFRSMGKNAFGQILDNDAKIQVMFNRDFSAVAGLAADAGISPIKFIEKKLDLGDILGLEGYLFFTHSGELTVLVETVT
LLCKSLISLPDKHAGLADKEIRYRKRWADLISSEDVRKTFLTRSRILKLIREYMDQQSFLEVETPILQTVYGGAEATPFV
TTLQALHAEMFLRISLEIALKKLLVGGMSRVYEIGKVFRNEGIDRTHNPEFTMIEAYAAYWDYNDVMKCVENLVEYIVRA
LNNGETQVQYSHLKSGPQVVDFKAPWIRMTMKESISVYGGVDVDLHADHELRKILETQTSLPEKTYVHASRGELIALLFD
ELVCDKLIAPHHITDHPLETTPLCKTLRSGDETLVERFESFCLGKELCNAYSELNDPLQQRKLLEEQMRKKALNPDSEYH
PIDEEFLEALCQGMPPAGGFGIGIDRLVMMLTDAASIRDVLFFPVMRRIEAKKD
;
_entity_poly.pdbx_strand_id   A,B
#
# COMPACT_ATOMS: atom_id res chain seq x y z
N GLU A 12 6.82 24.84 -23.60
CA GLU A 12 6.76 26.28 -23.41
C GLU A 12 5.77 26.65 -22.30
N VAL A 13 6.28 27.27 -21.24
CA VAL A 13 5.47 27.59 -20.06
C VAL A 13 4.79 28.93 -20.29
N GLU A 14 3.48 28.90 -20.49
CA GLU A 14 2.76 30.10 -20.91
C GLU A 14 2.66 31.12 -19.78
N TYR A 15 2.45 30.66 -18.53
CA TYR A 15 2.10 31.59 -17.46
C TYR A 15 3.26 32.54 -17.13
N LEU A 16 4.51 32.13 -17.38
CA LEU A 16 5.65 33.01 -17.15
C LEU A 16 5.61 34.27 -18.00
N GLN A 17 4.72 34.35 -18.99
CA GLN A 17 4.56 35.53 -19.82
C GLN A 17 3.20 36.19 -19.64
N HIS A 18 2.41 35.76 -18.66
CA HIS A 18 1.08 36.31 -18.45
C HIS A 18 1.14 37.55 -17.55
N GLU A 19 0.20 38.47 -17.80
CA GLU A 19 0.15 39.70 -17.00
C GLU A 19 0.05 39.40 -15.51
N ASP A 20 -0.83 38.47 -15.13
CA ASP A 20 -1.06 38.22 -13.71
C ASP A 20 0.19 37.69 -13.01
N TYR A 21 1.04 36.97 -13.75
CA TYR A 21 2.29 36.52 -13.16
C TYR A 21 3.23 37.70 -12.91
N LEU A 22 3.34 38.63 -13.86
CA LEU A 22 4.12 39.85 -13.65
C LEU A 22 3.54 40.65 -12.48
N TYR A 23 2.22 40.80 -12.45
CA TYR A 23 1.58 41.57 -11.39
C TYR A 23 1.89 40.98 -10.02
N ARG A 24 1.75 39.66 -9.88
CA ARG A 24 1.98 39.04 -8.57
C ARG A 24 3.46 39.01 -8.22
N THR A 25 4.32 38.64 -9.16
CA THR A 25 5.75 38.56 -8.84
C THR A 25 6.30 39.92 -8.47
N SER A 26 5.81 41.00 -9.10
CA SER A 26 6.29 42.34 -8.79
CA SER A 26 6.32 42.32 -8.79
C SER A 26 6.04 42.72 -7.34
N LYS A 27 5.08 42.09 -6.69
CA LYS A 27 4.81 42.41 -5.30
C LYS A 27 5.81 41.78 -4.35
N LEU A 28 6.58 40.80 -4.80
CA LEU A 28 7.53 40.12 -3.93
C LEU A 28 8.55 41.09 -3.37
N LYS A 29 9.15 41.91 -4.23
CA LYS A 29 10.13 42.90 -3.76
C LYS A 29 9.47 43.90 -2.81
N GLU A 30 8.28 44.38 -3.16
CA GLU A 30 7.59 45.36 -2.32
C GLU A 30 7.33 44.80 -0.93
N ILE A 31 6.89 43.53 -0.86
CA ILE A 31 6.61 42.91 0.43
C ILE A 31 7.90 42.72 1.22
N ARG A 32 8.96 42.25 0.55
CA ARG A 32 10.23 42.05 1.22
C ARG A 32 10.84 43.37 1.67
N ASP A 33 10.67 44.44 0.88
CA ASP A 33 11.18 45.75 1.28
C ASP A 33 10.52 46.26 2.55
N LEU A 34 9.32 45.77 2.86
CA LEU A 34 8.64 46.07 4.11
C LEU A 34 9.10 45.16 5.24
N GLY A 35 10.17 44.39 5.05
CA GLY A 35 10.64 43.50 6.08
C GLY A 35 9.80 42.26 6.33
N ILE A 36 8.95 41.86 5.40
CA ILE A 36 8.07 40.71 5.56
C ILE A 36 8.54 39.59 4.65
N ASN A 37 8.79 38.42 5.22
CA ASN A 37 9.15 37.25 4.43
C ASN A 37 7.90 36.66 3.79
N PRO A 38 7.80 36.62 2.46
CA PRO A 38 6.59 36.05 1.82
C PRO A 38 6.53 34.54 1.84
N TYR A 39 7.58 33.86 2.29
CA TYR A 39 7.60 32.40 2.38
C TYR A 39 8.22 32.01 3.71
N PRO A 40 7.54 32.34 4.83
CA PRO A 40 8.16 32.14 6.14
C PRO A 40 8.20 30.66 6.53
N TYR A 41 8.76 30.38 7.71
CA TYR A 41 9.16 29.01 8.02
C TYR A 41 8.05 28.19 8.66
N GLN A 42 7.11 28.80 9.36
CA GLN A 42 6.05 28.00 9.96
C GLN A 42 4.87 28.91 10.29
N TYR A 43 3.83 28.30 10.85
CA TYR A 43 2.73 29.01 11.49
C TYR A 43 2.32 28.14 12.68
N THR A 44 2.82 28.49 13.85
CA THR A 44 2.75 27.61 15.00
C THR A 44 1.32 27.53 15.55
N ASP A 45 1.01 26.39 16.18
CA ASP A 45 -0.21 26.22 16.98
C ASP A 45 -1.43 26.60 16.16
N CYS A 46 -1.48 26.06 14.95
CA CYS A 46 -2.47 26.39 13.95
C CYS A 46 -3.56 25.33 13.99
N LEU A 47 -4.79 25.74 14.32
CA LEU A 47 -5.90 24.81 14.29
C LEU A 47 -6.47 24.69 12.88
N GLU A 48 -7.11 23.55 12.62
CA GLU A 48 -7.80 23.36 11.36
C GLU A 48 -9.16 24.05 11.43
N VAL A 49 -9.57 24.63 10.29
CA VAL A 49 -10.86 25.32 10.26
C VAL A 49 -11.99 24.36 10.59
N GLN A 50 -11.89 23.12 10.10
CA GLN A 50 -12.90 22.11 10.45
C GLN A 50 -12.99 21.93 11.95
N GLU A 51 -11.83 21.84 12.63
CA GLU A 51 -11.86 21.67 14.08
C GLU A 51 -12.48 22.87 14.76
N ILE A 52 -12.21 24.08 14.25
CA ILE A 52 -12.83 25.28 14.81
C ILE A 52 -14.34 25.24 14.62
N ARG A 53 -14.79 24.83 13.44
CA ARG A 53 -16.23 24.76 13.20
C ARG A 53 -16.89 23.73 14.12
N ASN A 54 -16.28 22.55 14.25
CA ASN A 54 -16.84 21.52 15.12
C ASN A 54 -17.02 22.00 16.55
N GLN A 55 -16.20 22.95 16.98
CA GLN A 55 -16.16 23.37 18.38
C GLN A 55 -17.15 24.48 18.70
N PHE A 56 -17.41 25.39 17.77
CA PHE A 56 -18.22 26.57 18.08
C PHE A 56 -19.41 26.80 17.17
N VAL A 57 -19.52 26.11 16.03
CA VAL A 57 -20.66 26.32 15.14
C VAL A 57 -21.96 26.03 15.88
N ASP A 58 -22.03 24.88 16.55
CA ASP A 58 -23.13 24.56 17.45
C ASP A 58 -22.73 24.93 18.88
N ASN A 59 -22.70 26.24 19.12
CA ASN A 59 -22.33 26.78 20.43
C ASN A 59 -22.80 28.22 20.51
N GLU A 60 -22.91 28.72 21.74
CA GLU A 60 -23.31 30.11 21.97
C GLU A 60 -22.13 31.02 21.73
N LEU A 61 -22.32 32.03 20.88
CA LEU A 61 -21.24 32.89 20.43
C LEU A 61 -21.75 34.31 20.36
N GLY A 62 -20.82 35.27 20.46
CA GLY A 62 -21.16 36.68 20.42
C GLY A 62 -21.31 37.21 19.01
N ASP A 63 -21.64 38.50 18.94
CA ASP A 63 -21.79 39.22 17.68
C ASP A 63 -20.50 39.96 17.36
N SER A 64 -20.51 40.71 16.26
CA SER A 64 -19.30 41.40 15.83
C SER A 64 -18.79 42.35 16.90
N GLU A 65 -19.69 43.07 17.58
CA GLU A 65 -19.24 44.03 18.59
C GLU A 65 -18.58 43.33 19.77
N ALA A 66 -19.02 42.13 20.12
CA ALA A 66 -18.33 41.35 21.14
C ALA A 66 -16.91 41.01 20.70
N ALA A 67 -16.73 40.62 19.43
CA ALA A 67 -15.40 40.32 18.91
C ALA A 67 -14.50 41.54 18.97
N PHE A 68 -15.03 42.72 18.65
CA PHE A 68 -14.25 43.94 18.75
C PHE A 68 -13.84 44.24 20.18
N ARG A 69 -14.59 43.73 21.16
CA ARG A 69 -14.20 43.87 22.56
C ARG A 69 -13.33 42.71 23.03
N LYS A 70 -12.99 41.79 22.12
CA LYS A 70 -12.06 40.70 22.42
C LYS A 70 -12.58 39.81 23.54
N GLU A 71 -13.90 39.62 23.58
CA GLU A 71 -14.55 38.79 24.59
C GLU A 71 -14.86 37.38 24.11
N THR A 72 -14.86 37.16 22.81
CA THR A 72 -15.23 35.89 22.21
C THR A 72 -14.00 34.98 22.11
N PRO A 73 -14.18 33.71 21.78
CA PRO A 73 -13.02 32.81 21.69
C PRO A 73 -12.01 33.27 20.64
N LYS A 74 -10.73 33.14 20.98
CA LYS A 74 -9.63 33.50 20.11
C LYS A 74 -9.05 32.24 19.50
N VAL A 75 -8.80 32.27 18.19
CA VAL A 75 -8.32 31.10 17.45
C VAL A 75 -7.18 31.50 16.54
N ARG A 76 -6.38 30.50 16.19
CA ARG A 76 -5.38 30.60 15.13
C ARG A 76 -5.65 29.51 14.11
N PHE A 77 -5.59 29.88 12.84
CA PHE A 77 -5.78 28.93 11.74
C PHE A 77 -5.13 29.52 10.50
N ALA A 78 -5.08 28.71 9.44
CA ALA A 78 -4.47 29.14 8.20
C ALA A 78 -5.19 28.52 7.03
N GLY A 79 -5.09 29.19 5.89
CA GLY A 79 -5.70 28.67 4.68
C GLY A 79 -5.52 29.63 3.52
N ARG A 80 -6.18 29.29 2.43
CA ARG A 80 -6.06 30.05 1.19
C ARG A 80 -7.18 31.09 1.10
N LEU A 81 -6.82 32.33 0.76
CA LEU A 81 -7.81 33.38 0.53
C LEU A 81 -8.52 33.13 -0.79
N VAL A 82 -9.82 32.85 -0.75
CA VAL A 82 -10.55 32.47 -1.95
C VAL A 82 -11.69 33.43 -2.27
N LEU A 83 -12.01 34.36 -1.38
CA LEU A 83 -12.91 35.46 -1.69
C LEU A 83 -12.43 36.65 -0.89
N PHE A 84 -12.74 37.86 -1.39
CA PHE A 84 -12.34 39.07 -0.72
C PHE A 84 -13.10 40.26 -1.29
N ARG A 85 -13.56 41.13 -0.41
CA ARG A 85 -14.33 42.31 -0.79
C ARG A 85 -14.07 43.40 0.24
N SER A 86 -13.61 44.56 -0.19
CA SER A 86 -13.37 45.67 0.72
C SER A 86 -14.61 46.55 0.84
N MET A 87 -14.96 46.90 2.08
CA MET A 87 -16.05 47.83 2.33
C MET A 87 -15.52 49.06 3.06
N GLY A 88 -14.55 49.75 2.47
CA GLY A 88 -13.97 50.91 3.10
C GLY A 88 -13.11 50.55 4.29
N LYS A 89 -13.58 50.84 5.50
CA LYS A 89 -12.80 50.54 6.70
C LYS A 89 -12.82 49.06 7.06
N ASN A 90 -13.84 48.31 6.65
CA ASN A 90 -13.88 46.86 6.86
C ASN A 90 -13.63 46.14 5.55
N ALA A 91 -13.16 44.90 5.66
CA ALA A 91 -13.02 44.01 4.52
C ALA A 91 -13.42 42.61 4.94
N PHE A 92 -14.08 41.89 4.04
CA PHE A 92 -14.56 40.54 4.32
C PHE A 92 -14.02 39.58 3.27
N GLY A 93 -13.65 38.38 3.72
CA GLY A 93 -13.10 37.38 2.84
C GLY A 93 -13.46 35.99 3.32
N GLN A 94 -13.07 35.01 2.50
CA GLN A 94 -13.28 33.60 2.81
C GLN A 94 -11.94 32.89 2.78
N ILE A 95 -11.70 32.05 3.78
CA ILE A 95 -10.48 31.27 3.88
C ILE A 95 -10.84 29.79 3.67
N LEU A 96 -10.11 29.12 2.79
CA LEU A 96 -10.33 27.71 2.49
C LEU A 96 -9.21 26.88 3.10
N ASP A 97 -9.56 25.96 3.99
CA ASP A 97 -8.58 25.11 4.68
C ASP A 97 -9.03 23.65 4.62
N ASN A 98 -8.42 22.88 3.71
CA ASN A 98 -8.65 21.44 3.62
C ASN A 98 -10.14 21.11 3.59
N ASP A 99 -10.82 21.69 2.60
CA ASP A 99 -12.24 21.46 2.32
C ASP A 99 -13.18 22.03 3.36
N ALA A 100 -12.71 22.93 4.23
CA ALA A 100 -13.60 23.68 5.11
C ALA A 100 -13.34 25.17 4.91
N LYS A 101 -14.40 25.97 4.98
CA LYS A 101 -14.31 27.41 4.75
C LYS A 101 -14.79 28.16 5.98
N ILE A 102 -14.20 29.34 6.20
CA ILE A 102 -14.64 30.24 7.25
C ILE A 102 -14.50 31.67 6.74
N GLN A 103 -15.40 32.55 7.18
CA GLN A 103 -15.34 33.94 6.77
C GLN A 103 -14.39 34.70 7.69
N VAL A 104 -13.67 35.66 7.11
CA VAL A 104 -12.79 36.53 7.87
C VAL A 104 -13.24 37.99 7.69
N MET A 105 -13.00 38.79 8.72
CA MET A 105 -13.26 40.22 8.67
C MET A 105 -12.00 40.97 9.06
N PHE A 106 -11.59 41.92 8.23
CA PHE A 106 -10.47 42.80 8.55
C PHE A 106 -11.02 44.18 8.84
N ASN A 107 -10.35 44.91 9.72
CA ASN A 107 -10.77 46.25 10.08
C ASN A 107 -9.55 47.15 10.20
N ARG A 108 -9.69 48.37 9.66
CA ARG A 108 -8.58 49.32 9.60
C ARG A 108 -7.90 49.50 10.95
N ASP A 109 -8.68 49.56 12.03
CA ASP A 109 -8.13 49.86 13.35
C ASP A 109 -7.81 48.62 14.18
N PHE A 110 -8.40 47.47 13.85
CA PHE A 110 -8.28 46.29 14.68
C PHE A 110 -7.23 45.30 14.19
N SER A 111 -6.96 45.26 12.88
CA SER A 111 -6.17 44.21 12.25
C SER A 111 -4.74 44.67 11.99
N ALA A 112 -3.77 43.89 12.46
CA ALA A 112 -2.38 44.15 12.21
C ALA A 112 -1.80 43.11 11.25
N VAL A 113 -0.76 43.50 10.51
CA VAL A 113 -0.08 42.60 9.59
C VAL A 113 1.26 42.24 10.22
N ALA A 114 1.50 40.94 10.40
CA ALA A 114 2.74 40.48 11.01
C ALA A 114 3.95 41.01 10.26
N GLY A 115 4.86 41.67 11.00
CA GLY A 115 6.08 42.20 10.43
C GLY A 115 5.96 43.53 9.74
N LEU A 116 4.76 44.10 9.67
CA LEU A 116 4.56 45.41 9.06
C LEU A 116 4.77 46.47 10.14
N ALA A 117 5.78 47.32 9.94
CA ALA A 117 6.10 48.34 10.93
C ALA A 117 5.06 49.46 10.94
N ALA A 118 4.96 50.14 12.09
CA ALA A 118 4.12 51.32 12.17
C ALA A 118 4.64 52.43 11.28
N ASP A 119 5.95 52.67 11.32
CA ASP A 119 6.58 53.69 10.48
C ASP A 119 6.79 53.20 9.04
N ALA A 120 6.11 52.14 8.62
CA ALA A 120 6.14 51.75 7.22
C ALA A 120 5.31 52.72 6.40
N GLY A 121 5.44 52.62 5.08
CA GLY A 121 4.75 53.58 4.25
C GLY A 121 3.32 53.22 3.90
N ILE A 122 2.81 52.11 4.41
CA ILE A 122 1.49 51.62 4.04
C ILE A 122 0.77 51.15 5.30
N SER A 123 -0.56 51.32 5.30
CA SER A 123 -1.37 50.93 6.44
C SER A 123 -1.69 49.44 6.39
N PRO A 124 -1.96 48.81 7.54
CA PRO A 124 -2.31 47.39 7.50
C PRO A 124 -3.50 47.10 6.60
N ILE A 125 -4.54 47.94 6.63
CA ILE A 125 -5.70 47.67 5.79
C ILE A 125 -5.33 47.80 4.31
N LYS A 126 -4.52 48.81 3.97
CA LYS A 126 -4.13 48.99 2.57
C LYS A 126 -3.16 47.90 2.12
N PHE A 127 -2.32 47.40 3.02
CA PHE A 127 -1.48 46.24 2.70
C PHE A 127 -2.35 45.03 2.36
N ILE A 128 -3.39 44.80 3.16
CA ILE A 128 -4.29 43.67 2.92
C ILE A 128 -4.98 43.82 1.58
N GLU A 129 -5.41 45.03 1.25
CA GLU A 129 -6.11 45.27 -0.01
C GLU A 129 -5.17 45.17 -1.20
N LYS A 130 -3.95 45.71 -1.06
CA LYS A 130 -3.10 45.97 -2.21
C LYS A 130 -1.94 44.99 -2.38
N LYS A 131 -1.39 44.45 -1.31
CA LYS A 131 -0.26 43.54 -1.41
C LYS A 131 -0.66 42.07 -1.39
N LEU A 132 -1.81 41.76 -0.79
CA LEU A 132 -2.34 40.40 -0.82
C LEU A 132 -3.22 40.21 -2.05
N ASP A 133 -3.37 38.96 -2.44
CA ASP A 133 -4.20 38.60 -3.58
C ASP A 133 -4.99 37.34 -3.25
N LEU A 134 -6.12 37.18 -3.93
CA LEU A 134 -6.80 35.90 -3.94
C LEU A 134 -5.80 34.82 -4.32
N GLY A 135 -5.82 33.71 -3.58
CA GLY A 135 -4.90 32.62 -3.80
C GLY A 135 -3.76 32.58 -2.81
N ASP A 136 -3.44 33.71 -2.17
CA ASP A 136 -2.40 33.71 -1.16
C ASP A 136 -2.81 32.85 0.02
N ILE A 137 -1.82 32.30 0.70
CA ILE A 137 -2.04 31.50 1.89
C ILE A 137 -1.71 32.38 3.09
N LEU A 138 -2.68 32.50 4.00
CA LEU A 138 -2.62 33.43 5.11
C LEU A 138 -2.72 32.68 6.43
N GLY A 139 -2.06 33.22 7.45
CA GLY A 139 -2.26 32.78 8.82
C GLY A 139 -3.08 33.84 9.55
N LEU A 140 -4.14 33.39 10.20
CA LEU A 140 -5.13 34.28 10.80
C LEU A 140 -5.23 34.03 12.30
N GLU A 141 -5.13 35.10 13.08
CA GLU A 141 -5.34 35.07 14.52
C GLU A 141 -6.37 36.12 14.85
N GLY A 142 -7.47 35.72 15.49
CA GLY A 142 -8.53 36.65 15.78
C GLY A 142 -9.64 36.01 16.58
N TYR A 143 -10.77 36.71 16.64
CA TYR A 143 -11.87 36.41 17.55
C TYR A 143 -13.11 35.99 16.77
N LEU A 144 -13.72 34.89 17.19
CA LEU A 144 -14.89 34.33 16.52
C LEU A 144 -16.14 35.14 16.82
N PHE A 145 -17.10 35.08 15.91
CA PHE A 145 -18.43 35.64 16.13
C PHE A 145 -19.34 35.16 15.00
N PHE A 146 -20.63 35.45 15.17
CA PHE A 146 -21.65 35.12 14.18
C PHE A 146 -22.13 36.41 13.53
N THR A 147 -22.26 36.39 12.20
CA THR A 147 -22.93 37.48 11.50
C THR A 147 -24.41 37.47 11.85
N HIS A 148 -25.11 38.55 11.48
CA HIS A 148 -26.55 38.61 11.74
C HIS A 148 -27.28 37.44 11.09
N SER A 149 -26.80 36.98 9.94
CA SER A 149 -27.41 35.84 9.26
C SER A 149 -26.95 34.50 9.84
N GLY A 150 -26.04 34.49 10.80
CA GLY A 150 -25.63 33.26 11.44
C GLY A 150 -24.38 32.60 10.90
N GLU A 151 -23.60 33.29 10.07
CA GLU A 151 -22.42 32.70 9.45
C GLU A 151 -21.21 32.88 10.36
N LEU A 152 -20.46 31.80 10.57
CA LEU A 152 -19.30 31.84 11.45
C LEU A 152 -18.18 32.68 10.84
N THR A 153 -17.69 33.66 11.60
CA THR A 153 -16.72 34.62 11.10
C THR A 153 -15.64 34.89 12.15
N VAL A 154 -14.45 35.28 11.68
CA VAL A 154 -13.32 35.60 12.56
C VAL A 154 -12.89 37.05 12.29
N LEU A 155 -12.98 37.89 13.33
CA LEU A 155 -12.42 39.23 13.29
C LEU A 155 -10.91 39.12 13.50
N VAL A 156 -10.15 39.47 12.48
CA VAL A 156 -8.73 39.14 12.43
C VAL A 156 -7.95 40.19 13.23
N GLU A 157 -7.21 39.72 14.24
CA GLU A 157 -6.35 40.62 15.00
C GLU A 157 -4.98 40.75 14.34
N THR A 158 -4.46 39.66 13.80
CA THR A 158 -3.20 39.64 13.06
C THR A 158 -3.35 38.72 11.88
N VAL A 159 -3.04 39.21 10.68
CA VAL A 159 -2.90 38.34 9.51
C VAL A 159 -1.42 38.17 9.24
N THR A 160 -1.02 36.93 8.92
CA THR A 160 0.35 36.61 8.54
C THR A 160 0.33 36.06 7.12
N LEU A 161 1.21 36.59 6.27
CA LEU A 161 1.37 36.06 4.93
C LEU A 161 2.23 34.80 4.97
N LEU A 162 1.66 33.66 4.60
CA LEU A 162 2.40 32.41 4.66
C LEU A 162 2.91 31.95 3.30
N CYS A 163 2.26 32.36 2.22
CA CYS A 163 2.75 32.04 0.88
C CYS A 163 2.15 33.02 -0.12
N LYS A 164 3.01 33.74 -0.83
CA LYS A 164 2.58 34.63 -1.91
C LYS A 164 2.41 33.82 -3.18
N SER A 165 1.16 33.63 -3.59
CA SER A 165 0.88 32.92 -4.84
C SER A 165 1.21 33.79 -6.04
N LEU A 166 1.86 33.21 -7.03
CA LEU A 166 2.31 33.93 -8.21
C LEU A 166 1.38 33.76 -9.40
N ILE A 167 0.39 32.88 -9.32
CA ILE A 167 -0.67 32.79 -10.33
C ILE A 167 -2.01 32.86 -9.61
N SER A 168 -3.05 33.17 -10.38
CA SER A 168 -4.37 33.40 -9.80
C SER A 168 -5.05 32.08 -9.43
N LEU A 169 -6.17 32.20 -8.73
CA LEU A 169 -7.00 31.04 -8.45
C LEU A 169 -7.47 30.43 -9.77
N PRO A 170 -7.69 29.11 -9.80
CA PRO A 170 -8.16 28.48 -11.05
C PRO A 170 -9.47 29.12 -11.53
N ASP A 171 -9.58 29.27 -12.84
CA ASP A 171 -10.83 29.74 -13.42
C ASP A 171 -11.97 28.80 -13.03
N LYS A 172 -13.13 29.37 -12.71
CA LYS A 172 -14.28 28.55 -12.35
C LYS A 172 -14.98 27.99 -13.59
N HIS A 173 -14.94 28.71 -14.71
CA HIS A 173 -15.60 28.28 -15.94
C HIS A 173 -14.84 27.11 -16.55
N ALA A 174 -15.30 25.88 -16.27
CA ALA A 174 -14.66 24.70 -16.82
C ALA A 174 -15.14 24.45 -18.24
N GLY A 175 -14.24 23.92 -19.07
CA GLY A 175 -14.59 23.45 -20.39
C GLY A 175 -14.06 22.04 -20.57
N LEU A 176 -13.98 21.57 -21.82
CA LEU A 176 -13.29 20.31 -22.06
C LEU A 176 -11.79 20.49 -21.94
N ALA A 177 -11.25 21.53 -22.57
CA ALA A 177 -9.82 21.81 -22.47
C ALA A 177 -9.43 22.10 -21.03
N ASP A 178 -10.24 22.87 -20.32
CA ASP A 178 -9.91 23.24 -18.94
C ASP A 178 -9.88 22.02 -18.04
N LYS A 179 -10.94 21.21 -18.05
CA LYS A 179 -11.02 20.07 -17.13
C LYS A 179 -10.03 18.98 -17.52
N GLU A 180 -9.68 18.86 -18.80
CA GLU A 180 -8.68 17.87 -19.19
C GLU A 180 -7.31 18.21 -18.61
N ILE A 181 -6.95 19.50 -18.59
CA ILE A 181 -5.70 19.90 -17.95
C ILE A 181 -5.77 19.66 -16.44
N ARG A 182 -6.97 19.78 -15.86
CA ARG A 182 -7.15 19.55 -14.43
C ARG A 182 -6.76 18.13 -14.01
N TYR A 183 -6.86 17.15 -14.90
CA TYR A 183 -6.40 15.80 -14.55
C TYR A 183 -4.88 15.76 -14.40
N ARG A 184 -4.16 16.61 -15.13
CA ARG A 184 -2.73 16.78 -14.89
C ARG A 184 -2.49 17.73 -13.72
N LYS A 185 -2.99 18.96 -13.83
CA LYS A 185 -2.82 19.99 -12.80
C LYS A 185 -3.86 19.81 -11.68
N ARG A 186 -3.78 18.66 -11.01
CA ARG A 186 -4.81 18.27 -10.04
C ARG A 186 -4.91 19.24 -8.88
N TRP A 187 -3.82 19.91 -8.53
CA TRP A 187 -3.88 20.88 -7.43
C TRP A 187 -4.88 21.97 -7.74
N ALA A 188 -5.00 22.37 -9.01
CA ALA A 188 -6.00 23.38 -9.38
C ALA A 188 -7.41 22.82 -9.21
N ASP A 189 -7.63 21.59 -9.66
CA ASP A 189 -8.91 20.93 -9.47
C ASP A 189 -9.28 20.90 -8.00
N LEU A 190 -8.32 20.55 -7.14
CA LEU A 190 -8.61 20.42 -5.72
C LEU A 190 -8.97 21.77 -5.10
N ILE A 191 -8.34 22.85 -5.57
CA ILE A 191 -8.65 24.17 -5.02
C ILE A 191 -10.04 24.61 -5.43
N SER A 192 -10.41 24.38 -6.69
CA SER A 192 -11.64 24.94 -7.24
C SER A 192 -12.88 24.10 -6.99
N SER A 193 -12.78 22.78 -6.83
CA SER A 193 -13.97 21.93 -6.83
C SER A 193 -14.15 21.20 -5.51
N GLU A 194 -15.23 21.54 -4.81
CA GLU A 194 -15.58 20.83 -3.58
C GLU A 194 -15.86 19.35 -3.86
N ASP A 195 -16.48 19.05 -5.00
CA ASP A 195 -16.80 17.65 -5.30
C ASP A 195 -15.53 16.82 -5.49
N VAL A 196 -14.51 17.39 -6.14
CA VAL A 196 -13.25 16.67 -6.28
C VAL A 196 -12.62 16.43 -4.90
N ARG A 197 -12.57 17.46 -4.06
CA ARG A 197 -12.01 17.27 -2.72
C ARG A 197 -12.75 16.19 -1.95
N LYS A 198 -14.08 16.18 -2.01
CA LYS A 198 -14.83 15.18 -1.25
C LYS A 198 -14.61 13.78 -1.83
N THR A 199 -14.53 13.66 -3.15
CA THR A 199 -14.29 12.36 -3.76
C THR A 199 -13.00 11.75 -3.22
N PHE A 200 -11.93 12.53 -3.19
CA PHE A 200 -10.66 11.98 -2.75
C PHE A 200 -10.61 11.80 -1.24
N LEU A 201 -11.33 12.62 -0.48
CA LEU A 201 -11.45 12.35 0.94
C LEU A 201 -12.20 11.05 1.18
N THR A 202 -13.30 10.83 0.45
CA THR A 202 -14.03 9.57 0.57
C THR A 202 -13.13 8.38 0.20
N ARG A 203 -12.29 8.53 -0.83
CA ARG A 203 -11.43 7.41 -1.23
C ARG A 203 -10.53 6.97 -0.08
N SER A 204 -9.89 7.93 0.60
CA SER A 204 -9.06 7.58 1.74
C SER A 204 -9.86 6.87 2.82
N ARG A 205 -11.12 7.29 3.04
CA ARG A 205 -11.93 6.61 4.04
C ARG A 205 -12.21 5.17 3.62
N ILE A 206 -12.44 4.94 2.33
CA ILE A 206 -12.74 3.59 1.85
C ILE A 206 -11.57 2.65 2.11
N LEU A 207 -10.34 3.10 1.79
CA LEU A 207 -9.17 2.27 2.05
C LEU A 207 -9.05 1.94 3.53
N LYS A 208 -9.30 2.92 4.39
CA LYS A 208 -9.22 2.70 5.83
C LYS A 208 -10.31 1.74 6.29
N LEU A 209 -11.49 1.81 5.68
CA LEU A 209 -12.59 0.91 6.02
C LEU A 209 -12.29 -0.52 5.55
N ILE A 210 -11.66 -0.68 4.38
CA ILE A 210 -11.30 -2.02 3.93
C ILE A 210 -10.35 -2.66 4.92
N ARG A 211 -9.31 -1.93 5.32
CA ARG A 211 -8.33 -2.46 6.28
C ARG A 211 -8.99 -2.84 7.58
N GLU A 212 -9.90 -1.98 8.07
CA GLU A 212 -10.56 -2.27 9.34
C GLU A 212 -11.39 -3.55 9.25
N TYR A 213 -12.11 -3.72 8.15
CA TYR A 213 -12.92 -4.93 8.00
C TYR A 213 -12.04 -6.17 7.86
N MET A 214 -11.00 -6.10 7.02
CA MET A 214 -10.16 -7.28 6.83
C MET A 214 -9.43 -7.64 8.11
N ASP A 215 -8.93 -6.65 8.85
CA ASP A 215 -8.27 -6.92 10.12
C ASP A 215 -9.21 -7.60 11.10
N GLN A 216 -10.47 -7.17 11.12
CA GLN A 216 -11.45 -7.76 12.03
C GLN A 216 -11.73 -9.22 11.69
N GLN A 217 -11.60 -9.59 10.42
CA GLN A 217 -11.73 -10.99 10.02
C GLN A 217 -10.44 -11.77 10.19
N SER A 218 -9.47 -11.20 10.90
CA SER A 218 -8.18 -11.85 11.17
C SER A 218 -7.34 -12.07 9.90
N PHE A 219 -7.47 -11.23 8.88
CA PHE A 219 -6.52 -11.28 7.77
C PHE A 219 -5.30 -10.44 8.13
N LEU A 220 -4.11 -10.96 7.84
CA LEU A 220 -2.89 -10.18 8.06
C LEU A 220 -2.53 -9.41 6.78
N GLU A 221 -2.24 -8.11 6.92
CA GLU A 221 -1.81 -7.33 5.77
C GLU A 221 -0.33 -7.53 5.50
N VAL A 222 0.00 -7.88 4.26
CA VAL A 222 1.38 -8.12 3.86
C VAL A 222 1.70 -7.26 2.62
N GLU A 223 2.98 -7.20 2.30
CA GLU A 223 3.46 -6.63 1.04
C GLU A 223 4.25 -7.71 0.31
N THR A 224 4.05 -7.83 -1.00
CA THR A 224 4.82 -8.70 -1.86
C THR A 224 5.34 -7.87 -3.03
N PRO A 225 6.33 -8.37 -3.78
CA PRO A 225 7.05 -7.48 -4.71
C PRO A 225 6.30 -7.14 -5.99
N ILE A 226 6.44 -5.88 -6.41
CA ILE A 226 5.97 -5.46 -7.72
C ILE A 226 6.91 -5.94 -8.82
N LEU A 227 8.23 -5.82 -8.62
CA LEU A 227 9.19 -6.22 -9.63
C LEU A 227 9.51 -7.71 -9.46
N GLN A 228 9.23 -8.50 -10.50
CA GLN A 228 9.50 -9.93 -10.46
C GLN A 228 10.06 -10.38 -11.79
N THR A 229 10.65 -11.59 -11.80
CA THR A 229 11.17 -12.18 -13.03
C THR A 229 10.10 -12.91 -13.83
N VAL A 230 8.88 -13.00 -13.30
CA VAL A 230 7.74 -13.60 -13.98
C VAL A 230 6.55 -12.67 -13.83
N TYR A 231 5.47 -13.02 -14.54
CA TYR A 231 4.18 -12.38 -14.30
C TYR A 231 3.10 -13.44 -14.49
N GLY A 232 1.97 -13.24 -13.81
CA GLY A 232 0.88 -14.20 -13.92
C GLY A 232 -0.25 -13.82 -13.00
N GLY A 233 -1.26 -14.69 -12.94
CA GLY A 233 -2.39 -14.46 -12.08
C GLY A 233 -3.51 -13.65 -12.70
N ALA A 234 -3.41 -13.38 -14.00
CA ALA A 234 -4.42 -12.67 -14.77
C ALA A 234 -3.99 -12.77 -16.23
N GLU A 235 -4.90 -12.41 -17.12
CA GLU A 235 -4.60 -12.34 -18.54
C GLU A 235 -4.38 -10.87 -18.87
N ALA A 236 -3.12 -10.48 -18.99
CA ALA A 236 -2.79 -9.07 -19.23
C ALA A 236 -1.39 -8.97 -19.80
N THR A 237 -1.18 -7.97 -20.63
CA THR A 237 0.15 -7.63 -21.10
C THR A 237 0.91 -6.90 -19.99
N PRO A 238 2.13 -7.32 -19.65
CA PRO A 238 2.87 -6.69 -18.56
C PRO A 238 3.73 -5.53 -19.05
N PHE A 239 4.12 -4.70 -18.09
CA PHE A 239 5.23 -3.77 -18.25
C PHE A 239 6.55 -4.48 -17.99
N VAL A 240 7.57 -4.13 -18.77
CA VAL A 240 8.91 -4.71 -18.67
C VAL A 240 9.91 -3.61 -18.32
N THR A 241 10.87 -3.92 -17.45
CA THR A 241 11.93 -2.98 -17.12
C THR A 241 13.25 -3.76 -16.97
N THR A 242 14.32 -3.03 -16.66
CA THR A 242 15.66 -3.61 -16.59
C THR A 242 16.28 -3.30 -15.25
N LEU A 243 16.78 -4.33 -14.57
CA LEU A 243 17.48 -4.18 -13.31
C LEU A 243 18.97 -4.17 -13.62
N GLN A 244 19.62 -3.03 -13.39
CA GLN A 244 20.99 -2.85 -13.87
C GLN A 244 21.96 -3.76 -13.14
N ALA A 245 21.87 -3.79 -11.81
CA ALA A 245 22.83 -4.53 -10.99
C ALA A 245 22.96 -5.99 -11.42
N LEU A 246 21.90 -6.55 -12.01
CA LEU A 246 21.93 -7.94 -12.47
C LEU A 246 21.85 -8.07 -13.98
N HIS A 247 21.83 -6.97 -14.72
CA HIS A 247 21.62 -7.00 -16.18
C HIS A 247 20.46 -7.92 -16.53
N ALA A 248 19.32 -7.68 -15.89
CA ALA A 248 18.22 -8.63 -15.90
C ALA A 248 16.91 -7.93 -16.25
N GLU A 249 16.13 -8.55 -17.10
CA GLU A 249 14.79 -8.06 -17.43
C GLU A 249 13.82 -8.43 -16.30
N MET A 250 13.06 -7.45 -15.83
CA MET A 250 12.03 -7.66 -14.83
C MET A 250 10.66 -7.28 -15.40
N PHE A 251 9.61 -7.86 -14.82
CA PHE A 251 8.23 -7.50 -15.11
C PHE A 251 7.61 -6.80 -13.90
N LEU A 252 6.76 -5.82 -14.15
CA LEU A 252 5.88 -5.32 -13.10
C LEU A 252 4.69 -6.25 -13.00
N ARG A 253 4.28 -6.56 -11.77
CA ARG A 253 3.25 -7.56 -11.57
C ARG A 253 1.93 -7.10 -12.17
N ILE A 254 1.17 -8.07 -12.68
CA ILE A 254 -0.17 -7.83 -13.20
C ILE A 254 -1.24 -8.27 -12.24
N SER A 255 -0.85 -8.85 -11.11
CA SER A 255 -1.80 -9.27 -10.08
C SER A 255 -1.00 -9.61 -8.83
N LEU A 256 -1.72 -9.90 -7.74
CA LEU A 256 -1.09 -10.24 -6.46
C LEU A 256 -1.07 -11.73 -6.19
N GLU A 257 -1.66 -12.55 -7.07
CA GLU A 257 -2.17 -13.86 -6.67
C GLU A 257 -1.06 -14.86 -6.30
N ILE A 258 -0.05 -15.00 -7.15
CA ILE A 258 0.92 -16.09 -6.98
C ILE A 258 1.72 -15.89 -5.70
N ALA A 259 2.13 -14.66 -5.42
CA ALA A 259 2.89 -14.38 -4.22
C ALA A 259 2.09 -14.68 -2.96
N LEU A 260 0.81 -14.29 -2.93
CA LEU A 260 0.01 -14.55 -1.74
C LEU A 260 -0.23 -16.05 -1.56
N LYS A 261 -0.44 -16.78 -2.65
CA LYS A 261 -0.62 -18.23 -2.55
C LYS A 261 0.61 -18.88 -1.95
N LYS A 262 1.80 -18.41 -2.31
CA LYS A 262 3.01 -18.90 -1.68
C LYS A 262 3.00 -18.69 -0.18
N LEU A 263 2.41 -17.58 0.30
CA LEU A 263 2.34 -17.36 1.75
C LEU A 263 1.39 -18.35 2.43
N LEU A 264 0.31 -18.76 1.74
CA LEU A 264 -0.54 -19.80 2.29
C LEU A 264 0.20 -21.13 2.40
N VAL A 265 1.00 -21.46 1.39
CA VAL A 265 1.85 -22.65 1.51
C VAL A 265 2.72 -22.53 2.75
N GLY A 266 3.27 -21.33 2.99
CA GLY A 266 4.08 -21.02 4.15
C GLY A 266 3.36 -21.08 5.50
N GLY A 267 2.04 -21.26 5.51
CA GLY A 267 1.33 -21.45 6.76
C GLY A 267 0.55 -20.24 7.25
N MET A 268 0.58 -19.11 6.53
CA MET A 268 -0.22 -17.96 6.93
C MET A 268 -1.66 -18.19 6.50
N SER A 269 -2.57 -18.27 7.48
CA SER A 269 -3.92 -18.73 7.20
C SER A 269 -4.72 -17.73 6.38
N ARG A 270 -4.59 -16.45 6.70
CA ARG A 270 -5.40 -15.42 6.07
C ARG A 270 -4.50 -14.23 5.81
N VAL A 271 -4.29 -13.91 4.53
CA VAL A 271 -3.45 -12.77 4.16
C VAL A 271 -4.20 -11.92 3.17
N TYR A 272 -3.87 -10.63 3.16
CA TYR A 272 -4.30 -9.76 2.09
C TYR A 272 -3.22 -8.73 1.82
N GLU A 273 -3.32 -8.14 0.64
CA GLU A 273 -2.46 -7.06 0.21
C GLU A 273 -3.31 -6.05 -0.54
N ILE A 274 -3.11 -4.78 -0.25
CA ILE A 274 -3.67 -3.69 -1.03
C ILE A 274 -2.49 -3.06 -1.77
N GLY A 275 -2.41 -3.26 -3.08
CA GLY A 275 -1.21 -2.86 -3.79
C GLY A 275 -1.49 -2.39 -5.20
N LYS A 276 -0.52 -1.65 -5.74
CA LYS A 276 -0.55 -1.28 -7.15
C LYS A 276 -0.26 -2.50 -8.03
N VAL A 277 -1.05 -2.66 -9.09
CA VAL A 277 -0.78 -3.64 -10.14
C VAL A 277 -0.82 -2.90 -11.47
N PHE A 278 -0.23 -3.51 -12.48
CA PHE A 278 0.11 -2.81 -13.72
C PHE A 278 -0.26 -3.69 -14.90
N ARG A 279 -1.10 -3.16 -15.80
CA ARG A 279 -1.54 -3.90 -16.99
C ARG A 279 -1.35 -2.98 -18.18
N ASN A 280 -0.35 -3.32 -19.02
CA ASN A 280 0.14 -2.45 -20.07
C ASN A 280 -0.83 -2.49 -21.27
N GLU A 281 -2.03 -1.99 -21.03
CA GLU A 281 -3.12 -2.04 -22.01
C GLU A 281 -3.78 -0.68 -22.21
N GLY A 282 -5.04 -0.67 -22.64
CA GLY A 282 -5.69 0.55 -23.08
C GLY A 282 -6.35 1.34 -21.96
N ILE A 283 -6.66 2.61 -22.27
CA ILE A 283 -7.19 3.58 -21.32
C ILE A 283 -8.66 3.83 -21.65
N ASP A 284 -9.51 3.75 -20.64
CA ASP A 284 -10.91 4.16 -20.77
C ASP A 284 -11.46 4.43 -19.38
N ARG A 285 -12.78 4.61 -19.31
CA ARG A 285 -13.45 5.10 -18.10
C ARG A 285 -13.34 4.12 -16.94
N THR A 286 -12.91 2.89 -17.18
CA THR A 286 -12.75 1.93 -16.10
C THR A 286 -11.39 1.26 -16.13
N HIS A 287 -10.45 1.75 -16.94
CA HIS A 287 -9.10 1.18 -16.98
C HIS A 287 -8.04 2.27 -16.97
N ASN A 288 -7.16 2.24 -15.95
CA ASN A 288 -5.88 2.94 -15.90
C ASN A 288 -4.77 1.88 -15.90
N PRO A 289 -3.64 2.11 -16.55
CA PRO A 289 -2.58 1.07 -16.58
C PRO A 289 -2.03 0.72 -15.21
N GLU A 290 -2.04 1.67 -14.28
CA GLU A 290 -1.69 1.44 -12.89
C GLU A 290 -2.97 1.57 -12.07
N PHE A 291 -3.30 0.54 -11.29
CA PHE A 291 -4.51 0.60 -10.50
C PHE A 291 -4.29 -0.17 -9.21
N THR A 292 -5.22 0.01 -8.28
CA THR A 292 -5.08 -0.55 -6.95
C THR A 292 -6.02 -1.75 -6.79
N MET A 293 -5.46 -2.86 -6.35
CA MET A 293 -6.23 -4.05 -6.06
C MET A 293 -6.07 -4.41 -4.60
N ILE A 294 -7.13 -4.96 -4.03
CA ILE A 294 -6.98 -5.83 -2.86
C ILE A 294 -7.12 -7.27 -3.35
N GLU A 295 -6.18 -8.13 -2.96
CA GLU A 295 -6.38 -9.56 -3.04
C GLU A 295 -6.26 -10.14 -1.64
N ALA A 296 -7.12 -11.11 -1.33
CA ALA A 296 -7.16 -11.70 -0.01
C ALA A 296 -7.40 -13.21 -0.15
N TYR A 297 -6.74 -14.00 0.69
CA TYR A 297 -6.80 -15.46 0.62
C TYR A 297 -7.01 -15.99 2.02
N ALA A 298 -7.97 -16.93 2.17
CA ALA A 298 -8.22 -17.55 3.46
C ALA A 298 -8.17 -19.07 3.31
N ALA A 299 -7.26 -19.70 4.05
CA ALA A 299 -7.22 -21.15 4.04
C ALA A 299 -8.53 -21.71 4.57
N TYR A 300 -8.95 -22.85 4.01
CA TYR A 300 -10.08 -23.69 4.42
C TYR A 300 -11.43 -23.11 3.97
N TRP A 301 -11.47 -21.95 3.31
CA TRP A 301 -12.67 -21.39 2.67
C TRP A 301 -12.81 -21.91 1.24
N ASP A 302 -14.04 -21.83 0.72
CA ASP A 302 -14.29 -22.00 -0.71
C ASP A 302 -14.94 -20.73 -1.26
N TYR A 303 -15.37 -20.78 -2.53
CA TYR A 303 -15.90 -19.55 -3.13
C TYR A 303 -17.21 -19.10 -2.51
N ASN A 304 -17.97 -19.99 -1.87
CA ASN A 304 -19.18 -19.55 -1.16
C ASN A 304 -18.83 -18.77 0.09
N ASP A 305 -17.80 -19.21 0.85
CA ASP A 305 -17.34 -18.39 1.97
C ASP A 305 -16.87 -17.01 1.47
N VAL A 306 -16.16 -16.99 0.35
CA VAL A 306 -15.59 -15.75 -0.16
C VAL A 306 -16.72 -14.81 -0.60
N MET A 307 -17.75 -15.36 -1.23
CA MET A 307 -18.89 -14.57 -1.66
C MET A 307 -19.48 -13.80 -0.48
N LYS A 308 -19.69 -14.48 0.64
CA LYS A 308 -20.20 -13.80 1.82
C LYS A 308 -19.23 -12.73 2.29
N CYS A 309 -17.94 -13.04 2.31
CA CYS A 309 -16.96 -12.07 2.78
C CYS A 309 -16.98 -10.83 1.90
N VAL A 310 -17.05 -11.01 0.59
CA VAL A 310 -16.99 -9.88 -0.33
C VAL A 310 -18.22 -8.97 -0.15
N GLU A 311 -19.43 -9.56 -0.16
CA GLU A 311 -20.61 -8.70 -0.09
C GLU A 311 -20.73 -8.08 1.31
N ASN A 312 -20.24 -8.75 2.34
CA ASN A 312 -20.26 -8.16 3.68
C ASN A 312 -19.26 -7.00 3.78
N LEU A 313 -18.09 -7.17 3.16
CA LEU A 313 -17.09 -6.11 3.15
C LEU A 313 -17.66 -4.86 2.50
N VAL A 314 -18.28 -5.01 1.32
CA VAL A 314 -18.78 -3.84 0.61
C VAL A 314 -19.96 -3.22 1.35
N GLU A 315 -20.86 -4.05 1.89
CA GLU A 315 -21.99 -3.50 2.65
C GLU A 315 -21.49 -2.69 3.85
N TYR A 316 -20.49 -3.21 4.54
CA TYR A 316 -19.88 -2.49 5.67
C TYR A 316 -19.36 -1.12 5.24
N ILE A 317 -18.64 -1.06 4.11
CA ILE A 317 -18.10 0.20 3.63
C ILE A 317 -19.23 1.19 3.35
N VAL A 318 -20.26 0.72 2.64
CA VAL A 318 -21.33 1.62 2.24
C VAL A 318 -22.06 2.17 3.46
N ARG A 319 -22.37 1.29 4.42
CA ARG A 319 -23.07 1.74 5.63
CA ARG A 319 -23.07 1.74 5.63
C ARG A 319 -22.25 2.79 6.37
N ALA A 320 -20.93 2.58 6.46
CA ALA A 320 -20.09 3.55 7.17
C ALA A 320 -20.06 4.90 6.47
N LEU A 321 -20.13 4.92 5.14
CA LEU A 321 -20.09 6.20 4.42
C LEU A 321 -21.44 6.90 4.41
N ASN A 322 -22.54 6.16 4.59
CA ASN A 322 -23.85 6.68 4.25
C ASN A 322 -24.80 6.58 5.43
N ASN A 323 -24.27 6.77 6.64
CA ASN A 323 -25.02 6.77 7.90
C ASN A 323 -25.92 5.55 8.05
N GLY A 324 -25.40 4.37 7.69
CA GLY A 324 -26.14 3.14 7.88
C GLY A 324 -26.97 2.69 6.68
N GLU A 325 -27.14 3.55 5.67
CA GLU A 325 -27.87 3.18 4.48
C GLU A 325 -27.01 2.32 3.58
N THR A 326 -27.66 1.48 2.76
CA THR A 326 -27.00 0.62 1.80
C THR A 326 -27.26 1.03 0.36
N GLN A 327 -28.13 2.01 0.12
CA GLN A 327 -28.44 2.44 -1.23
C GLN A 327 -27.56 3.61 -1.64
N VAL A 328 -27.15 3.62 -2.90
CA VAL A 328 -26.22 4.60 -3.45
C VAL A 328 -26.75 5.05 -4.80
N GLN A 329 -26.69 6.35 -5.06
CA GLN A 329 -27.05 6.90 -6.36
C GLN A 329 -25.82 6.92 -7.27
N TYR A 330 -25.99 6.47 -8.50
CA TYR A 330 -24.96 6.57 -9.53
C TYR A 330 -25.60 7.22 -10.76
N SER A 331 -24.94 8.28 -11.28
CA SER A 331 -25.57 9.19 -12.24
C SER A 331 -25.19 8.95 -13.70
N HIS A 332 -24.13 8.19 -13.98
CA HIS A 332 -23.45 8.36 -15.25
C HIS A 332 -23.68 7.25 -16.27
N LEU A 333 -24.58 6.30 -16.00
CA LEU A 333 -24.88 5.27 -16.99
C LEU A 333 -25.75 5.83 -18.11
N LYS A 334 -25.57 5.29 -19.32
CA LYS A 334 -26.35 5.75 -20.47
C LYS A 334 -27.84 5.54 -20.27
N SER A 335 -28.24 4.61 -19.42
CA SER A 335 -29.64 4.33 -19.12
C SER A 335 -30.24 5.31 -18.13
N GLY A 336 -29.54 6.38 -17.78
CA GLY A 336 -30.03 7.33 -16.83
C GLY A 336 -29.55 7.04 -15.42
N PRO A 337 -29.88 7.92 -14.47
CA PRO A 337 -29.47 7.69 -13.09
C PRO A 337 -30.06 6.40 -12.54
N GLN A 338 -29.27 5.72 -11.70
CA GLN A 338 -29.68 4.49 -11.04
C GLN A 338 -29.52 4.64 -9.54
N VAL A 339 -30.35 3.91 -8.80
CA VAL A 339 -30.11 3.63 -7.40
C VAL A 339 -29.78 2.16 -7.28
N VAL A 340 -28.65 1.85 -6.67
CA VAL A 340 -28.28 0.46 -6.43
C VAL A 340 -28.20 0.23 -4.92
N ASP A 341 -28.56 -0.97 -4.50
CA ASP A 341 -28.57 -1.35 -3.11
C ASP A 341 -27.51 -2.41 -2.85
N PHE A 342 -26.51 -2.07 -2.03
CA PHE A 342 -25.43 -2.98 -1.70
C PHE A 342 -25.74 -3.89 -0.52
N LYS A 343 -27.00 -3.90 -0.06
CA LYS A 343 -27.42 -4.77 1.03
C LYS A 343 -27.10 -6.23 0.72
N ALA A 344 -26.44 -6.91 1.69
CA ALA A 344 -26.18 -8.35 1.58
C ALA A 344 -27.40 -9.15 2.02
N PRO A 345 -27.64 -10.33 1.41
CA PRO A 345 -26.90 -11.01 0.34
C PRO A 345 -27.17 -10.44 -1.06
N TRP A 346 -26.16 -10.42 -1.92
CA TRP A 346 -26.39 -9.96 -3.27
C TRP A 346 -27.06 -11.05 -4.11
N ILE A 347 -27.68 -10.64 -5.22
CA ILE A 347 -28.18 -11.60 -6.18
C ILE A 347 -27.07 -12.55 -6.61
N ARG A 348 -27.36 -13.84 -6.60
CA ARG A 348 -26.42 -14.87 -7.03
CA ARG A 348 -26.43 -14.90 -7.01
C ARG A 348 -27.05 -15.67 -8.16
N MET A 349 -26.33 -15.78 -9.29
CA MET A 349 -26.78 -16.70 -10.32
CA MET A 349 -26.78 -16.58 -10.44
C MET A 349 -25.57 -17.25 -11.08
N THR A 350 -25.76 -18.45 -11.63
CA THR A 350 -24.70 -19.00 -12.45
C THR A 350 -24.61 -18.21 -13.75
N MET A 351 -23.48 -18.38 -14.44
CA MET A 351 -23.34 -17.72 -15.73
C MET A 351 -24.42 -18.19 -16.70
N LYS A 352 -24.69 -19.50 -16.74
CA LYS A 352 -25.74 -19.99 -17.63
C LYS A 352 -27.09 -19.40 -17.27
N GLU A 353 -27.44 -19.35 -15.99
CA GLU A 353 -28.73 -18.75 -15.61
C GLU A 353 -28.81 -17.30 -16.09
N SER A 354 -27.72 -16.54 -15.91
CA SER A 354 -27.77 -15.12 -16.29
C SER A 354 -27.94 -14.97 -17.79
N ILE A 355 -27.36 -15.86 -18.58
CA ILE A 355 -27.58 -15.79 -20.03
C ILE A 355 -29.04 -16.05 -20.35
N SER A 356 -29.72 -16.89 -19.56
CA SER A 356 -31.15 -17.07 -19.78
C SER A 356 -31.94 -15.87 -19.28
N VAL A 357 -31.69 -15.43 -18.05
CA VAL A 357 -32.51 -14.38 -17.46
C VAL A 357 -32.34 -13.06 -18.24
N TYR A 358 -31.10 -12.65 -18.48
CA TYR A 358 -30.85 -11.37 -19.11
C TYR A 358 -30.60 -11.46 -20.61
N GLY A 359 -30.10 -12.58 -21.11
CA GLY A 359 -29.81 -12.68 -22.53
C GLY A 359 -30.90 -13.36 -23.33
N GLY A 360 -31.84 -14.03 -22.65
CA GLY A 360 -32.90 -14.73 -23.35
C GLY A 360 -32.45 -15.98 -24.07
N VAL A 361 -31.29 -16.56 -23.71
CA VAL A 361 -30.79 -17.77 -24.34
C VAL A 361 -30.64 -18.85 -23.27
N ASP A 362 -31.18 -20.03 -23.54
CA ASP A 362 -31.09 -21.18 -22.64
C ASP A 362 -30.00 -22.10 -23.20
N VAL A 363 -28.75 -21.90 -22.74
CA VAL A 363 -27.61 -22.39 -23.53
C VAL A 363 -27.64 -23.91 -23.68
N ASP A 364 -28.03 -24.64 -22.64
CA ASP A 364 -27.93 -26.09 -22.77
C ASP A 364 -29.08 -26.69 -23.54
N LEU A 365 -29.99 -25.87 -24.08
CA LEU A 365 -30.90 -26.35 -25.10
C LEU A 365 -30.34 -26.20 -26.51
N HIS A 366 -29.12 -25.68 -26.66
CA HIS A 366 -28.58 -25.37 -27.99
C HIS A 366 -27.26 -26.07 -28.24
N ALA A 367 -27.07 -26.50 -29.48
CA ALA A 367 -25.81 -26.99 -29.98
C ALA A 367 -24.81 -25.83 -30.19
N ASP A 368 -23.52 -26.16 -30.15
CA ASP A 368 -22.47 -25.16 -30.37
C ASP A 368 -22.76 -24.29 -31.60
N HIS A 369 -23.18 -24.92 -32.70
CA HIS A 369 -23.40 -24.15 -33.91
C HIS A 369 -24.57 -23.18 -33.76
N GLU A 370 -25.53 -23.47 -32.89
CA GLU A 370 -26.62 -22.51 -32.65
C GLU A 370 -26.15 -21.36 -31.75
N LEU A 371 -25.30 -21.65 -30.77
CA LEU A 371 -24.66 -20.58 -30.01
C LEU A 371 -23.88 -19.66 -30.93
N ARG A 372 -23.09 -20.21 -31.86
CA ARG A 372 -22.37 -19.37 -32.81
CA ARG A 372 -22.36 -19.38 -32.83
C ARG A 372 -23.33 -18.50 -33.61
N LYS A 373 -24.40 -19.09 -34.11
CA LYS A 373 -25.37 -18.33 -34.88
C LYS A 373 -26.03 -17.23 -34.05
N ILE A 374 -26.18 -17.44 -32.75
CA ILE A 374 -26.69 -16.37 -31.89
C ILE A 374 -25.68 -15.24 -31.80
N LEU A 375 -24.41 -15.57 -31.62
CA LEU A 375 -23.36 -14.55 -31.57
C LEU A 375 -23.28 -13.80 -32.89
N GLU A 376 -23.50 -14.51 -34.01
CA GLU A 376 -23.40 -13.88 -35.33
C GLU A 376 -24.49 -12.83 -35.53
N THR A 377 -25.73 -13.15 -35.14
CA THR A 377 -26.88 -12.30 -35.47
C THR A 377 -27.27 -11.35 -34.36
N GLN A 378 -26.98 -11.64 -33.10
CA GLN A 378 -27.42 -10.81 -31.99
C GLN A 378 -26.28 -10.00 -31.37
N THR A 379 -25.05 -10.11 -31.86
CA THR A 379 -23.96 -9.30 -31.36
C THR A 379 -23.16 -8.77 -32.54
N SER A 380 -22.18 -7.91 -32.24
CA SER A 380 -21.30 -7.35 -33.25
C SER A 380 -19.90 -7.93 -33.17
N LEU A 381 -19.73 -9.07 -32.52
CA LEU A 381 -18.42 -9.70 -32.44
C LEU A 381 -17.92 -10.04 -33.84
N PRO A 382 -16.63 -9.87 -34.12
CA PRO A 382 -16.08 -10.36 -35.38
C PRO A 382 -16.12 -11.88 -35.42
N GLU A 383 -16.37 -12.41 -36.63
CA GLU A 383 -16.50 -13.85 -36.80
C GLU A 383 -15.30 -14.62 -36.25
N LYS A 384 -14.10 -14.04 -36.34
CA LYS A 384 -12.89 -14.72 -35.85
C LYS A 384 -13.03 -15.11 -34.38
N THR A 385 -13.81 -14.36 -33.61
CA THR A 385 -13.89 -14.59 -32.17
C THR A 385 -14.64 -15.88 -31.83
N TYR A 386 -15.61 -16.30 -32.64
CA TYR A 386 -16.47 -17.41 -32.25
C TYR A 386 -16.49 -18.58 -33.22
N VAL A 387 -16.04 -18.39 -34.46
CA VAL A 387 -16.23 -19.42 -35.50
C VAL A 387 -15.61 -20.76 -35.08
N HIS A 388 -14.51 -20.72 -34.32
CA HIS A 388 -13.89 -21.96 -33.86
C HIS A 388 -13.80 -22.04 -32.34
N ALA A 389 -14.49 -21.16 -31.61
CA ALA A 389 -14.38 -21.19 -30.16
C ALA A 389 -15.03 -22.44 -29.60
N SER A 390 -14.51 -22.90 -28.48
CA SER A 390 -15.08 -24.04 -27.78
C SER A 390 -16.43 -23.65 -27.16
N ARG A 391 -17.19 -24.67 -26.77
CA ARG A 391 -18.48 -24.42 -26.13
C ARG A 391 -18.34 -23.48 -24.94
N GLY A 392 -17.36 -23.77 -24.06
CA GLY A 392 -17.12 -22.90 -22.91
C GLY A 392 -16.81 -21.47 -23.31
N GLU A 393 -16.01 -21.28 -24.36
CA GLU A 393 -15.71 -19.93 -24.83
C GLU A 393 -16.95 -19.27 -25.40
N LEU A 394 -17.83 -20.04 -26.06
CA LEU A 394 -19.05 -19.45 -26.60
C LEU A 394 -19.95 -18.93 -25.49
N ILE A 395 -20.06 -19.71 -24.41
CA ILE A 395 -20.86 -19.31 -23.26
C ILE A 395 -20.32 -18.01 -22.67
N ALA A 396 -19.00 -17.90 -22.50
CA ALA A 396 -18.44 -16.68 -21.92
C ALA A 396 -18.66 -15.47 -22.84
N LEU A 397 -18.62 -15.69 -24.17
CA LEU A 397 -18.91 -14.59 -25.09
C LEU A 397 -20.38 -14.19 -25.04
N LEU A 398 -21.28 -15.17 -24.86
CA LEU A 398 -22.70 -14.82 -24.73
C LEU A 398 -22.93 -14.00 -23.48
N PHE A 399 -22.24 -14.34 -22.38
CA PHE A 399 -22.32 -13.53 -21.17
C PHE A 399 -21.78 -12.12 -21.41
N ASP A 400 -20.60 -12.00 -22.05
CA ASP A 400 -20.02 -10.68 -22.31
C ASP A 400 -20.99 -9.81 -23.10
N GLU A 401 -21.57 -10.37 -24.16
CA GLU A 401 -22.29 -9.56 -25.11
C GLU A 401 -23.75 -9.37 -24.76
N LEU A 402 -24.39 -10.32 -24.07
CA LEU A 402 -25.82 -10.24 -23.82
C LEU A 402 -26.18 -10.00 -22.36
N VAL A 403 -25.26 -10.16 -21.42
CA VAL A 403 -25.60 -10.11 -20.00
C VAL A 403 -24.91 -8.95 -19.29
N CYS A 404 -23.60 -8.79 -19.50
CA CYS A 404 -22.78 -8.02 -18.58
C CYS A 404 -23.32 -6.60 -18.34
N ASP A 405 -23.66 -5.87 -19.43
CA ASP A 405 -24.17 -4.50 -19.33
C ASP A 405 -25.47 -4.41 -18.54
N LYS A 406 -26.22 -5.50 -18.42
CA LYS A 406 -27.49 -5.46 -17.72
C LYS A 406 -27.37 -5.72 -16.22
N LEU A 407 -26.18 -6.03 -15.70
CA LEU A 407 -26.02 -6.31 -14.27
C LEU A 407 -25.83 -4.99 -13.53
N ILE A 408 -26.94 -4.35 -13.21
CA ILE A 408 -26.94 -3.03 -12.59
C ILE A 408 -26.88 -3.18 -11.08
N ALA A 409 -27.89 -3.85 -10.51
CA ALA A 409 -27.82 -4.21 -9.11
C ALA A 409 -26.63 -5.17 -8.88
N PRO A 410 -26.11 -5.24 -7.65
CA PRO A 410 -24.95 -6.12 -7.42
C PRO A 410 -25.34 -7.58 -7.63
N HIS A 411 -24.52 -8.28 -8.41
CA HIS A 411 -24.67 -9.69 -8.70
C HIS A 411 -23.35 -10.40 -8.43
N HIS A 412 -23.41 -11.61 -7.89
CA HIS A 412 -22.34 -12.58 -8.03
C HIS A 412 -22.73 -13.53 -9.16
N ILE A 413 -21.92 -13.59 -10.21
CA ILE A 413 -22.13 -14.52 -11.32
C ILE A 413 -21.19 -15.72 -11.12
N THR A 414 -21.75 -16.92 -10.94
CA THR A 414 -20.95 -18.08 -10.52
C THR A 414 -20.75 -19.09 -11.66
N ASP A 415 -19.79 -19.99 -11.46
CA ASP A 415 -19.67 -21.24 -12.20
C ASP A 415 -19.38 -20.99 -13.68
N HIS A 416 -18.16 -20.48 -13.92
CA HIS A 416 -17.67 -20.06 -15.23
C HIS A 416 -17.07 -21.25 -15.98
N PRO A 417 -17.05 -21.19 -17.30
CA PRO A 417 -16.35 -22.21 -18.08
C PRO A 417 -14.89 -22.29 -17.65
N LEU A 418 -14.37 -23.52 -17.65
CA LEU A 418 -12.96 -23.79 -17.32
C LEU A 418 -12.01 -22.93 -18.12
N GLU A 419 -12.35 -22.66 -19.39
CA GLU A 419 -11.45 -21.89 -20.25
C GLU A 419 -11.16 -20.48 -19.72
N THR A 420 -11.97 -19.96 -18.80
CA THR A 420 -11.76 -18.56 -18.38
C THR A 420 -10.59 -18.39 -17.41
N THR A 421 -10.04 -19.47 -16.83
CA THR A 421 -8.92 -19.34 -15.90
C THR A 421 -8.24 -20.69 -15.67
N PRO A 422 -6.92 -20.71 -15.49
CA PRO A 422 -6.21 -21.95 -15.15
C PRO A 422 -5.99 -22.15 -13.66
N LEU A 423 -6.52 -21.26 -12.80
CA LEU A 423 -6.11 -21.24 -11.39
C LEU A 423 -7.21 -21.67 -10.44
N CYS A 424 -8.30 -22.29 -10.92
CA CYS A 424 -9.50 -22.51 -10.12
C CYS A 424 -9.90 -23.98 -10.17
N LYS A 425 -10.46 -24.48 -9.06
CA LYS A 425 -11.00 -25.85 -9.04
C LYS A 425 -12.29 -25.96 -9.85
N THR A 426 -12.47 -27.13 -10.49
CA THR A 426 -13.74 -27.40 -11.16
C THR A 426 -14.83 -27.68 -10.13
N LEU A 427 -16.08 -27.74 -10.59
CA LEU A 427 -17.20 -27.82 -9.66
C LEU A 427 -17.16 -29.10 -8.84
N ARG A 428 -17.44 -28.99 -7.54
CA ARG A 428 -17.43 -30.17 -6.70
C ARG A 428 -18.51 -31.17 -7.09
N SER A 429 -19.50 -30.77 -7.90
CA SER A 429 -20.47 -31.72 -8.39
C SER A 429 -19.85 -32.77 -9.30
N GLY A 430 -18.66 -32.51 -9.85
CA GLY A 430 -18.10 -33.38 -10.87
C GLY A 430 -18.20 -32.86 -12.29
N ASP A 431 -18.88 -31.73 -12.50
CA ASP A 431 -18.88 -31.07 -13.82
C ASP A 431 -17.54 -30.36 -14.01
N GLU A 432 -16.61 -31.02 -14.71
CA GLU A 432 -15.27 -30.50 -14.95
C GLU A 432 -15.20 -29.48 -16.07
N THR A 433 -16.30 -29.15 -16.72
CA THR A 433 -16.26 -28.07 -17.72
C THR A 433 -16.47 -26.69 -17.10
N LEU A 434 -16.84 -26.62 -15.82
CA LEU A 434 -17.07 -25.35 -15.13
C LEU A 434 -16.22 -25.31 -13.87
N VAL A 435 -15.85 -24.09 -13.45
CA VAL A 435 -15.00 -23.86 -12.28
C VAL A 435 -15.76 -23.07 -11.21
N GLU A 436 -15.38 -23.32 -9.95
CA GLU A 436 -15.93 -22.66 -8.77
C GLU A 436 -15.34 -21.25 -8.67
N ARG A 437 -15.74 -20.43 -9.62
CA ARG A 437 -15.36 -19.03 -9.72
C ARG A 437 -16.64 -18.20 -9.58
N PHE A 438 -16.52 -17.02 -9.01
CA PHE A 438 -17.54 -16.00 -9.22
C PHE A 438 -16.87 -14.70 -9.57
N GLU A 439 -17.58 -13.89 -10.35
CA GLU A 439 -17.24 -12.50 -10.56
C GLU A 439 -18.44 -11.69 -10.10
N SER A 440 -18.18 -10.61 -9.37
CA SER A 440 -19.23 -9.73 -8.90
C SER A 440 -19.33 -8.53 -9.83
N PHE A 441 -20.57 -8.16 -10.16
CA PHE A 441 -20.82 -7.03 -11.06
C PHE A 441 -21.77 -6.07 -10.37
N CYS A 442 -21.56 -4.78 -10.63
CA CYS A 442 -22.49 -3.75 -10.20
C CYS A 442 -22.40 -2.64 -11.24
N LEU A 443 -23.54 -2.05 -11.57
CA LEU A 443 -23.55 -0.95 -12.55
C LEU A 443 -22.91 -1.38 -13.86
N GLY A 444 -23.08 -2.65 -14.22
CA GLY A 444 -22.56 -3.13 -15.48
C GLY A 444 -21.06 -3.38 -15.53
N LYS A 445 -20.35 -3.30 -14.42
CA LYS A 445 -18.90 -3.44 -14.44
C LYS A 445 -18.46 -4.51 -13.45
N GLU A 446 -17.38 -5.20 -13.79
CA GLU A 446 -16.83 -6.22 -12.92
C GLU A 446 -16.19 -5.56 -11.71
N LEU A 447 -16.59 -6.02 -10.53
CA LEU A 447 -16.01 -5.52 -9.29
C LEU A 447 -15.07 -6.51 -8.62
N CYS A 448 -15.32 -7.80 -8.75
CA CYS A 448 -14.60 -8.79 -7.98
C CYS A 448 -14.42 -10.04 -8.84
N ASN A 449 -13.32 -10.76 -8.58
CA ASN A 449 -13.02 -12.04 -9.19
C ASN A 449 -12.54 -12.96 -8.06
N ALA A 450 -13.07 -14.18 -7.97
CA ALA A 450 -12.84 -15.00 -6.79
C ALA A 450 -12.94 -16.48 -7.14
N TYR A 451 -12.20 -17.32 -6.39
CA TYR A 451 -12.10 -18.75 -6.69
C TYR A 451 -12.14 -19.59 -5.43
N SER A 452 -12.60 -20.83 -5.58
CA SER A 452 -12.10 -21.97 -4.80
C SER A 452 -10.75 -22.33 -5.40
N GLU A 453 -9.66 -22.02 -4.68
CA GLU A 453 -8.34 -21.98 -5.30
C GLU A 453 -7.87 -23.38 -5.69
N LEU A 454 -7.22 -23.47 -6.85
CA LEU A 454 -6.65 -24.75 -7.29
C LEU A 454 -5.36 -25.04 -6.54
N ASN A 455 -5.31 -26.19 -5.84
CA ASN A 455 -4.10 -26.60 -5.14
C ASN A 455 -3.69 -28.03 -5.47
N ASP A 456 -4.28 -28.66 -6.50
CA ASP A 456 -3.80 -29.95 -7.00
C ASP A 456 -2.65 -29.66 -7.95
N PRO A 457 -1.40 -29.95 -7.57
CA PRO A 457 -0.27 -29.50 -8.39
C PRO A 457 -0.26 -30.08 -9.79
N LEU A 458 -0.66 -31.35 -9.94
CA LEU A 458 -0.68 -31.98 -11.25
C LEU A 458 -1.73 -31.35 -12.15
N GLN A 459 -2.94 -31.14 -11.61
CA GLN A 459 -3.96 -30.43 -12.36
C GLN A 459 -3.53 -29.00 -12.67
N GLN A 460 -2.85 -28.34 -11.73
CA GLN A 460 -2.38 -26.97 -12.01
C GLN A 460 -1.41 -26.96 -13.18
N ARG A 461 -0.46 -27.91 -13.22
CA ARG A 461 0.48 -27.94 -14.33
C ARG A 461 -0.25 -28.21 -15.64
N LYS A 462 -1.20 -29.14 -15.61
CA LYS A 462 -1.95 -29.48 -16.81
C LYS A 462 -2.68 -28.28 -17.37
N LEU A 463 -3.35 -27.51 -16.51
CA LEU A 463 -4.08 -26.35 -17.04
C LEU A 463 -3.12 -25.29 -17.59
N LEU A 464 -1.96 -25.10 -16.95
CA LEU A 464 -1.01 -24.12 -17.49
C LEU A 464 -0.39 -24.59 -18.81
N GLU A 465 -0.18 -25.91 -18.96
CA GLU A 465 0.30 -26.43 -20.23
C GLU A 465 -0.73 -26.24 -21.33
N GLU A 466 -2.00 -26.53 -21.03
CA GLU A 466 -3.06 -26.35 -22.02
C GLU A 466 -3.15 -24.89 -22.46
N GLN A 467 -3.02 -23.96 -21.51
CA GLN A 467 -3.02 -22.55 -21.85
C GLN A 467 -1.83 -22.21 -22.75
N MET A 468 -0.66 -22.77 -22.44
CA MET A 468 0.51 -22.50 -23.25
C MET A 468 0.33 -23.04 -24.67
N ARG A 469 -0.30 -24.22 -24.81
CA ARG A 469 -0.55 -24.76 -26.14
C ARG A 469 -1.52 -23.89 -26.92
N LYS A 470 -2.53 -23.34 -26.24
CA LYS A 470 -3.50 -22.49 -26.92
C LYS A 470 -2.86 -21.18 -27.34
N LYS A 471 -2.11 -20.55 -26.44
CA LYS A 471 -1.46 -19.29 -26.78
C LYS A 471 -0.40 -19.48 -27.85
N ALA A 472 0.15 -20.68 -28.01
CA ALA A 472 1.15 -20.87 -29.06
C ALA A 472 0.59 -20.61 -30.44
N LEU A 473 -0.73 -20.71 -30.59
CA LEU A 473 -1.39 -20.53 -31.88
C LEU A 473 -1.70 -19.07 -32.18
N ASN A 474 -1.58 -18.19 -31.20
CA ASN A 474 -1.83 -16.77 -31.41
C ASN A 474 -0.49 -16.06 -31.62
N PRO A 475 -0.21 -15.56 -32.83
CA PRO A 475 1.10 -14.93 -33.08
C PRO A 475 1.31 -13.61 -32.35
N ASP A 476 0.29 -13.05 -31.69
CA ASP A 476 0.44 -11.79 -30.98
C ASP A 476 0.98 -11.96 -29.57
N SER A 477 0.95 -13.16 -29.01
CA SER A 477 1.40 -13.38 -27.64
C SER A 477 2.74 -14.11 -27.65
N GLU A 478 3.67 -13.62 -26.84
CA GLU A 478 4.97 -14.25 -26.74
C GLU A 478 4.93 -15.41 -25.74
N TYR A 479 5.77 -16.41 -25.99
CA TYR A 479 5.91 -17.55 -25.09
C TYR A 479 6.04 -17.09 -23.64
N HIS A 480 5.29 -17.75 -22.76
CA HIS A 480 5.17 -17.40 -21.35
C HIS A 480 5.51 -18.64 -20.53
N PRO A 481 6.75 -18.77 -20.05
CA PRO A 481 7.15 -20.03 -19.38
C PRO A 481 6.28 -20.32 -18.16
N ILE A 482 6.16 -21.61 -17.83
CA ILE A 482 5.41 -21.96 -16.62
C ILE A 482 6.19 -21.51 -15.40
N ASP A 483 5.49 -21.10 -14.35
CA ASP A 483 6.16 -20.67 -13.12
C ASP A 483 6.49 -21.92 -12.30
N GLU A 484 7.72 -22.43 -12.45
CA GLU A 484 8.09 -23.66 -11.74
C GLU A 484 8.17 -23.45 -10.24
N GLU A 485 8.53 -22.25 -9.78
CA GLU A 485 8.61 -22.04 -8.33
C GLU A 485 7.21 -22.09 -7.72
N PHE A 486 6.22 -21.54 -8.42
CA PHE A 486 4.84 -21.65 -7.97
C PHE A 486 4.41 -23.11 -7.90
N LEU A 487 4.71 -23.89 -8.94
CA LEU A 487 4.33 -25.30 -8.90
C LEU A 487 5.04 -26.04 -7.78
N GLU A 488 6.31 -25.70 -7.50
CA GLU A 488 7.01 -26.36 -6.40
C GLU A 488 6.35 -26.03 -5.06
N ALA A 489 5.93 -24.78 -4.89
CA ALA A 489 5.21 -24.42 -3.66
C ALA A 489 3.94 -25.25 -3.52
N LEU A 490 3.18 -25.42 -4.62
CA LEU A 490 1.99 -26.26 -4.55
C LEU A 490 2.33 -27.68 -4.17
N CYS A 491 3.47 -28.21 -4.65
CA CYS A 491 3.91 -29.53 -4.22
C CYS A 491 4.18 -29.57 -2.71
N GLN A 492 4.79 -28.50 -2.17
CA GLN A 492 4.96 -28.42 -0.72
C GLN A 492 3.60 -28.52 -0.04
N GLY A 493 2.58 -27.90 -0.63
CA GLY A 493 1.22 -28.11 -0.22
C GLY A 493 0.53 -26.82 0.20
N MET A 494 -0.44 -26.42 -0.58
CA MET A 494 -1.29 -25.31 -0.20
C MET A 494 -2.60 -25.84 0.36
N PRO A 495 -3.07 -25.34 1.50
CA PRO A 495 -4.38 -25.78 2.01
C PRO A 495 -5.47 -25.49 0.98
N PRO A 496 -6.62 -26.14 1.07
CA PRO A 496 -7.78 -25.59 0.36
C PRO A 496 -7.94 -24.15 0.81
N ALA A 497 -8.43 -23.30 -0.10
CA ALA A 497 -8.48 -21.87 0.16
C ALA A 497 -9.49 -21.19 -0.76
N GLY A 498 -9.94 -20.03 -0.32
CA GLY A 498 -10.76 -19.16 -1.13
C GLY A 498 -10.11 -17.78 -1.19
N GLY A 499 -10.07 -17.20 -2.39
CA GLY A 499 -9.41 -15.92 -2.56
C GLY A 499 -10.27 -15.01 -3.42
N PHE A 500 -10.05 -13.71 -3.25
CA PHE A 500 -10.73 -12.76 -4.11
C PHE A 500 -9.81 -11.59 -4.41
N GLY A 501 -10.10 -10.93 -5.52
CA GLY A 501 -9.43 -9.69 -5.86
C GLY A 501 -10.49 -8.68 -6.23
N ILE A 502 -10.42 -7.48 -5.66
CA ILE A 502 -11.38 -6.40 -5.94
C ILE A 502 -10.60 -5.24 -6.54
N GLY A 503 -11.12 -4.69 -7.63
CA GLY A 503 -10.56 -3.46 -8.16
C GLY A 503 -11.02 -2.28 -7.32
N ILE A 504 -10.15 -1.77 -6.45
CA ILE A 504 -10.57 -0.74 -5.49
C ILE A 504 -10.94 0.56 -6.21
N ASP A 505 -10.29 0.87 -7.34
CA ASP A 505 -10.64 2.13 -7.99
C ASP A 505 -12.07 2.09 -8.51
N ARG A 506 -12.49 0.93 -9.06
CA ARG A 506 -13.88 0.81 -9.50
C ARG A 506 -14.86 0.87 -8.33
N LEU A 507 -14.50 0.25 -7.21
CA LEU A 507 -15.34 0.37 -6.02
C LEU A 507 -15.48 1.83 -5.61
N VAL A 508 -14.36 2.57 -5.62
CA VAL A 508 -14.42 3.98 -5.25
C VAL A 508 -15.30 4.75 -6.22
N MET A 509 -15.18 4.47 -7.53
CA MET A 509 -16.04 5.16 -8.50
C MET A 509 -17.51 4.96 -8.16
N MET A 510 -17.88 3.73 -7.80
CA MET A 510 -19.28 3.39 -7.55
C MET A 510 -19.81 4.07 -6.31
N LEU A 511 -18.96 4.35 -5.33
CA LEU A 511 -19.39 4.91 -4.05
C LEU A 511 -19.20 6.42 -3.98
N THR A 512 -18.59 7.03 -5.01
CA THR A 512 -18.44 8.48 -5.07
C THR A 512 -19.11 9.07 -6.30
N ASP A 513 -19.95 8.31 -7.01
CA ASP A 513 -20.64 8.79 -8.21
C ASP A 513 -19.65 9.39 -9.22
N ALA A 514 -18.54 8.67 -9.44
CA ALA A 514 -17.52 9.12 -10.37
C ALA A 514 -17.79 8.54 -11.75
N ALA A 515 -17.79 9.41 -12.77
CA ALA A 515 -18.08 8.97 -14.14
C ALA A 515 -16.94 8.13 -14.71
N SER A 516 -15.71 8.35 -14.24
CA SER A 516 -14.53 7.76 -14.85
C SER A 516 -13.51 7.43 -13.77
N ILE A 517 -12.71 6.39 -14.03
CA ILE A 517 -11.60 6.07 -13.12
C ILE A 517 -10.67 7.26 -13.00
N ARG A 518 -10.62 8.13 -14.02
CA ARG A 518 -9.79 9.31 -13.91
C ARG A 518 -10.25 10.23 -12.79
N ASP A 519 -11.52 10.13 -12.35
CA ASP A 519 -11.99 10.98 -11.27
C ASP A 519 -11.64 10.44 -9.89
N VAL A 520 -11.04 9.25 -9.78
CA VAL A 520 -10.69 8.71 -8.48
C VAL A 520 -9.20 8.45 -8.34
N LEU A 521 -8.41 8.89 -9.31
CA LEU A 521 -6.96 8.90 -9.22
C LEU A 521 -6.51 10.35 -9.22
N PHE A 522 -5.62 10.71 -8.28
CA PHE A 522 -5.10 12.08 -8.27
C PHE A 522 -4.41 12.40 -9.60
N PHE A 523 -3.61 11.48 -10.12
CA PHE A 523 -2.79 11.74 -11.31
C PHE A 523 -2.94 10.58 -12.28
N PRO A 524 -4.07 10.51 -12.99
CA PRO A 524 -4.25 9.43 -13.97
C PRO A 524 -3.34 9.61 -15.18
N VAL A 525 -3.07 8.48 -15.84
CA VAL A 525 -2.25 8.48 -17.05
C VAL A 525 -2.94 9.32 -18.13
N MET A 526 -2.18 10.23 -18.73
CA MET A 526 -2.70 11.20 -19.68
C MET A 526 -1.85 11.22 -20.94
N ARG A 527 -2.51 11.33 -22.10
CA ARG A 527 -1.79 11.55 -23.36
C ARG A 527 -1.01 12.86 -23.31
N ARG A 528 0.14 12.86 -23.98
CA ARG A 528 1.08 13.98 -23.97
C ARG A 528 0.42 15.33 -24.27
N GLU B 12 16.14 -27.08 -15.09
CA GLU B 12 15.74 -28.46 -14.85
C GLU B 12 15.13 -28.61 -13.47
N VAL B 13 13.94 -29.22 -13.42
CA VAL B 13 13.18 -29.34 -12.18
C VAL B 13 13.52 -30.69 -11.55
N GLU B 14 14.42 -30.65 -10.56
CA GLU B 14 15.06 -31.87 -10.07
C GLU B 14 14.11 -32.72 -9.21
N TYR B 15 13.25 -32.09 -8.40
CA TYR B 15 12.42 -32.88 -7.49
C TYR B 15 11.47 -33.81 -8.23
N LEU B 16 11.18 -33.54 -9.51
CA LEU B 16 10.26 -34.39 -10.25
C LEU B 16 10.77 -35.82 -10.39
N GLN B 17 12.07 -36.05 -10.27
CA GLN B 17 12.63 -37.40 -10.30
C GLN B 17 13.09 -37.87 -8.92
N HIS B 18 12.85 -37.10 -7.88
CA HIS B 18 13.22 -37.51 -6.53
C HIS B 18 12.32 -38.65 -6.05
N GLU B 19 12.91 -39.51 -5.23
CA GLU B 19 12.20 -40.68 -4.72
C GLU B 19 10.96 -40.27 -3.91
N ASP B 20 11.08 -39.22 -3.09
CA ASP B 20 9.95 -38.81 -2.27
C ASP B 20 8.78 -38.35 -3.14
N TYR B 21 9.07 -37.58 -4.21
CA TYR B 21 8.00 -37.08 -5.07
C TYR B 21 7.30 -38.23 -5.81
N LEU B 22 8.08 -39.13 -6.40
CA LEU B 22 7.51 -40.29 -7.08
C LEU B 22 6.67 -41.14 -6.13
N TYR B 23 7.17 -41.36 -4.92
CA TYR B 23 6.44 -42.14 -3.92
C TYR B 23 5.15 -41.44 -3.50
N ARG B 24 5.22 -40.14 -3.21
CA ARG B 24 4.02 -39.42 -2.79
C ARG B 24 2.99 -39.34 -3.91
N THR B 25 3.41 -39.06 -5.14
CA THR B 25 2.42 -38.96 -6.22
C THR B 25 1.76 -40.31 -6.49
N SER B 26 2.48 -41.42 -6.28
CA SER B 26 1.86 -42.72 -6.49
C SER B 26 0.74 -42.99 -5.48
N LYS B 27 0.71 -42.26 -4.36
CA LYS B 27 -0.39 -42.40 -3.41
C LYS B 27 -1.67 -41.71 -3.87
N LEU B 28 -1.58 -40.81 -4.85
CA LEU B 28 -2.76 -40.05 -5.24
C LEU B 28 -3.83 -40.96 -5.82
N LYS B 29 -3.45 -41.83 -6.75
CA LYS B 29 -4.43 -42.74 -7.32
C LYS B 29 -4.95 -43.71 -6.27
N GLU B 30 -4.09 -44.14 -5.35
CA GLU B 30 -4.51 -45.04 -4.28
C GLU B 30 -5.57 -44.39 -3.41
N ILE B 31 -5.37 -43.11 -3.08
CA ILE B 31 -6.31 -42.40 -2.24
C ILE B 31 -7.62 -42.16 -2.99
N ARG B 32 -7.53 -41.79 -4.27
CA ARG B 32 -8.75 -41.59 -5.06
C ARG B 32 -9.49 -42.92 -5.24
N ASP B 33 -8.76 -44.01 -5.44
CA ASP B 33 -9.40 -45.32 -5.54
C ASP B 33 -10.16 -45.68 -4.27
N LEU B 34 -9.76 -45.14 -3.13
CA LEU B 34 -10.52 -45.31 -1.90
C LEU B 34 -11.71 -44.36 -1.80
N GLY B 35 -11.99 -43.58 -2.85
CA GLY B 35 -13.11 -42.67 -2.83
C GLY B 35 -12.85 -41.38 -2.08
N ILE B 36 -11.59 -41.04 -1.84
CA ILE B 36 -11.21 -39.88 -1.05
C ILE B 36 -10.59 -38.83 -1.97
N ASN B 37 -11.10 -37.61 -1.90
CA ASN B 37 -10.54 -36.51 -2.65
C ASN B 37 -9.31 -36.00 -1.90
N PRO B 38 -8.11 -36.08 -2.47
CA PRO B 38 -6.93 -35.57 -1.76
C PRO B 38 -6.80 -34.06 -1.79
N TYR B 39 -7.62 -33.34 -2.58
CA TYR B 39 -7.63 -31.87 -2.60
C TYR B 39 -9.06 -31.35 -2.47
N PRO B 40 -9.73 -31.61 -1.33
CA PRO B 40 -11.15 -31.21 -1.17
C PRO B 40 -11.32 -29.70 -1.09
N TYR B 41 -12.57 -29.26 -0.91
CA TYR B 41 -12.94 -27.89 -1.21
C TYR B 41 -12.95 -26.95 -0.01
N GLN B 42 -13.09 -27.45 1.21
CA GLN B 42 -13.10 -26.56 2.36
C GLN B 42 -12.91 -27.40 3.62
N TYR B 43 -12.83 -26.73 4.75
CA TYR B 43 -12.93 -27.38 6.05
C TYR B 43 -13.61 -26.35 6.94
N THR B 44 -14.91 -26.52 7.13
CA THR B 44 -15.75 -25.51 7.74
C THR B 44 -15.60 -25.52 9.25
N ASP B 45 -15.99 -24.41 9.87
CA ASP B 45 -16.17 -24.34 11.33
C ASP B 45 -14.92 -24.83 12.04
N CYS B 46 -13.79 -24.23 11.68
CA CYS B 46 -12.44 -24.70 11.97
C CYS B 46 -11.77 -23.65 12.86
N LEU B 47 -11.62 -23.96 14.15
CA LEU B 47 -10.95 -23.04 15.07
C LEU B 47 -9.45 -23.03 14.81
N GLU B 48 -8.82 -21.90 15.11
CA GLU B 48 -7.37 -21.81 15.06
C GLU B 48 -6.75 -22.50 16.28
N VAL B 49 -5.66 -23.23 16.04
CA VAL B 49 -4.99 -23.90 17.16
C VAL B 49 -4.70 -22.91 18.28
N GLN B 50 -4.24 -21.70 17.91
CA GLN B 50 -3.91 -20.72 18.95
C GLN B 50 -5.15 -20.31 19.74
N GLU B 51 -6.30 -20.23 19.07
CA GLU B 51 -7.51 -19.90 19.80
C GLU B 51 -7.90 -21.04 20.73
N ILE B 52 -7.66 -22.28 20.31
CA ILE B 52 -7.89 -23.43 21.17
C ILE B 52 -6.97 -23.39 22.38
N ARG B 53 -5.68 -23.12 22.15
CA ARG B 53 -4.74 -22.96 23.26
C ARG B 53 -5.21 -21.91 24.24
N ASN B 54 -5.55 -20.72 23.73
CA ASN B 54 -5.96 -19.65 24.63
C ASN B 54 -7.23 -20.00 25.36
N GLN B 55 -8.05 -20.88 24.79
CA GLN B 55 -9.35 -21.20 25.38
C GLN B 55 -9.25 -22.26 26.46
N PHE B 56 -8.29 -23.19 26.36
CA PHE B 56 -8.28 -24.34 27.24
C PHE B 56 -6.94 -24.66 27.91
N VAL B 57 -5.87 -23.90 27.64
CA VAL B 57 -4.60 -24.22 28.30
C VAL B 57 -4.70 -23.96 29.80
N ASP B 58 -5.30 -22.84 30.18
CA ASP B 58 -5.64 -22.58 31.59
C ASP B 58 -7.07 -23.06 31.79
N ASN B 59 -7.19 -24.35 32.12
CA ASN B 59 -8.48 -25.05 32.15
C ASN B 59 -8.26 -26.47 32.66
N GLU B 60 -9.19 -26.99 33.45
CA GLU B 60 -9.00 -28.27 34.13
C GLU B 60 -9.60 -29.41 33.29
N LEU B 61 -8.98 -29.61 32.13
CA LEU B 61 -9.38 -30.70 31.24
C LEU B 61 -9.07 -32.06 31.87
N GLY B 62 -9.70 -33.09 31.31
CA GLY B 62 -9.44 -34.44 31.73
C GLY B 62 -8.15 -35.02 31.16
N ASP B 63 -7.91 -36.29 31.46
CA ASP B 63 -6.78 -37.04 30.93
C ASP B 63 -7.23 -37.77 29.66
N SER B 64 -6.37 -38.63 29.12
CA SER B 64 -6.66 -39.28 27.84
C SER B 64 -7.94 -40.11 27.92
N GLU B 65 -8.21 -40.73 29.07
CA GLU B 65 -9.37 -41.59 29.18
C GLU B 65 -10.67 -40.79 29.18
N ALA B 66 -10.67 -39.60 29.78
CA ALA B 66 -11.82 -38.70 29.63
C ALA B 66 -12.07 -38.38 28.17
N ALA B 67 -11.01 -38.19 27.38
CA ALA B 67 -11.20 -37.91 25.95
C ALA B 67 -11.78 -39.13 25.23
N PHE B 68 -11.23 -40.31 25.49
CA PHE B 68 -11.81 -41.55 24.98
C PHE B 68 -13.28 -41.69 25.33
N ARG B 69 -13.68 -41.24 26.52
CA ARG B 69 -15.08 -41.22 26.94
CA ARG B 69 -15.07 -41.24 26.92
C ARG B 69 -15.84 -40.04 26.34
N LYS B 70 -15.19 -39.22 25.52
CA LYS B 70 -15.85 -38.08 24.85
C LYS B 70 -16.44 -37.09 25.86
N GLU B 71 -15.76 -36.91 26.99
CA GLU B 71 -16.24 -36.05 28.07
C GLU B 71 -15.64 -34.65 28.03
N THR B 72 -14.55 -34.49 27.33
CA THR B 72 -13.79 -33.24 27.30
C THR B 72 -14.25 -32.41 26.10
N PRO B 73 -13.82 -31.15 26.00
CA PRO B 73 -14.27 -30.33 24.87
C PRO B 73 -13.86 -30.91 23.52
N LYS B 74 -14.80 -30.84 22.58
CA LYS B 74 -14.60 -31.29 21.21
C LYS B 74 -14.23 -30.10 20.34
N VAL B 75 -13.18 -30.25 19.52
CA VAL B 75 -12.67 -29.14 18.72
C VAL B 75 -12.45 -29.60 17.28
N ARG B 76 -12.46 -28.63 16.38
CA ARG B 76 -12.15 -28.80 14.97
C ARG B 76 -11.09 -27.78 14.61
N PHE B 77 -10.02 -28.22 13.94
CA PHE B 77 -8.95 -27.34 13.51
C PHE B 77 -8.21 -28.04 12.38
N ALA B 78 -7.27 -27.32 11.78
CA ALA B 78 -6.57 -27.86 10.62
C ALA B 78 -5.13 -27.37 10.65
N GLY B 79 -4.25 -28.12 9.99
CA GLY B 79 -2.89 -27.64 9.79
C GLY B 79 -2.01 -28.71 9.18
N ARG B 80 -0.71 -28.43 9.22
CA ARG B 80 0.27 -29.27 8.56
C ARG B 80 0.84 -30.30 9.54
N LEU B 81 0.85 -31.56 9.12
CA LEU B 81 1.43 -32.62 9.93
C LEU B 81 2.96 -32.48 9.88
N VAL B 82 3.58 -32.10 11.00
CA VAL B 82 5.02 -31.87 11.02
C VAL B 82 5.77 -32.87 11.88
N LEU B 83 5.07 -33.76 12.57
CA LEU B 83 5.72 -34.82 13.34
C LEU B 83 4.75 -35.97 13.44
N PHE B 84 5.26 -37.21 13.40
CA PHE B 84 4.37 -38.37 13.42
C PHE B 84 5.16 -39.57 13.89
N ARG B 85 4.63 -40.30 14.88
CA ARG B 85 5.23 -41.53 15.37
C ARG B 85 4.13 -42.56 15.59
N SER B 86 4.26 -43.71 14.93
CA SER B 86 3.35 -44.82 15.14
C SER B 86 3.79 -45.65 16.35
N MET B 87 2.84 -45.99 17.20
CA MET B 87 3.08 -46.78 18.41
C MET B 87 2.14 -47.98 18.46
N GLY B 88 1.86 -48.60 17.31
CA GLY B 88 0.97 -49.75 17.29
C GLY B 88 -0.48 -49.33 17.21
N LYS B 89 -1.25 -49.62 18.25
CA LYS B 89 -2.66 -49.22 18.27
C LYS B 89 -2.82 -47.70 18.29
N ASN B 90 -1.86 -46.99 18.85
CA ASN B 90 -1.90 -45.54 18.90
C ASN B 90 -0.85 -44.95 17.98
N ALA B 91 -1.10 -43.72 17.52
CA ALA B 91 -0.11 -42.93 16.82
C ALA B 91 -0.17 -41.49 17.33
N PHE B 92 1.00 -40.86 17.43
CA PHE B 92 1.08 -39.50 17.93
C PHE B 92 1.71 -38.62 16.87
N GLY B 93 1.24 -37.38 16.82
CA GLY B 93 1.69 -36.43 15.83
C GLY B 93 1.64 -35.02 16.36
N GLN B 94 2.12 -34.11 15.53
CA GLN B 94 2.12 -32.68 15.83
CA GLN B 94 2.08 -32.69 15.83
C GLN B 94 1.57 -31.95 14.61
N ILE B 95 0.66 -31.00 14.84
CA ILE B 95 0.04 -30.20 13.79
C ILE B 95 0.51 -28.77 13.97
N LEU B 96 1.01 -28.18 12.88
CA LEU B 96 1.41 -26.77 12.88
C LEU B 96 0.33 -25.97 12.16
N ASP B 97 -0.24 -24.98 12.85
CA ASP B 97 -1.33 -24.16 12.31
C ASP B 97 -0.98 -22.69 12.56
N ASN B 98 -0.50 -22.01 11.53
CA ASN B 98 -0.39 -20.55 11.58
C ASN B 98 0.42 -20.12 12.81
N ASP B 99 1.62 -20.71 12.95
CA ASP B 99 2.61 -20.45 14.00
C ASP B 99 2.27 -21.10 15.35
N ALA B 100 1.17 -21.85 15.46
CA ALA B 100 0.88 -22.57 16.70
C ALA B 100 0.88 -24.08 16.42
N LYS B 101 1.30 -24.85 17.43
CA LYS B 101 1.42 -26.29 17.37
C LYS B 101 0.52 -26.93 18.41
N ILE B 102 0.03 -28.12 18.11
CA ILE B 102 -0.72 -28.93 19.07
C ILE B 102 -0.44 -30.39 18.78
N GLN B 103 -0.37 -31.20 19.84
CA GLN B 103 -0.18 -32.64 19.69
C GLN B 103 -1.50 -33.31 19.35
N VAL B 104 -1.43 -34.36 18.53
CA VAL B 104 -2.61 -35.16 18.21
C VAL B 104 -2.33 -36.62 18.51
N MET B 105 -3.40 -37.36 18.78
CA MET B 105 -3.30 -38.78 19.03
C MET B 105 -4.36 -39.47 18.21
N PHE B 106 -3.94 -40.47 17.45
CA PHE B 106 -4.85 -41.33 16.71
C PHE B 106 -4.89 -42.70 17.37
N ASN B 107 -6.05 -43.34 17.33
CA ASN B 107 -6.22 -44.65 17.93
C ASN B 107 -6.97 -45.55 16.95
N ARG B 108 -6.56 -46.81 16.89
CA ARG B 108 -7.09 -47.76 15.92
C ARG B 108 -8.60 -47.89 16.01
N ASP B 109 -9.17 -47.79 17.22
CA ASP B 109 -10.59 -47.97 17.42
C ASP B 109 -11.34 -46.65 17.40
N PHE B 110 -10.72 -45.60 17.94
CA PHE B 110 -11.38 -44.31 18.10
C PHE B 110 -11.36 -43.47 16.83
N SER B 111 -10.29 -43.53 16.04
CA SER B 111 -10.10 -42.57 14.95
C SER B 111 -10.66 -43.09 13.63
N ALA B 112 -11.38 -42.23 12.91
CA ALA B 112 -11.86 -42.51 11.56
C ALA B 112 -11.19 -41.59 10.55
N VAL B 113 -11.21 -41.99 9.28
CA VAL B 113 -10.72 -41.18 8.17
C VAL B 113 -11.94 -40.78 7.34
N ALA B 114 -12.11 -39.48 7.10
CA ALA B 114 -13.27 -39.01 6.34
C ALA B 114 -13.22 -39.57 4.92
N GLY B 115 -14.33 -40.18 4.49
CA GLY B 115 -14.42 -40.77 3.18
C GLY B 115 -13.94 -42.21 3.07
N LEU B 116 -13.31 -42.74 4.11
CA LEU B 116 -12.82 -44.12 4.09
C LEU B 116 -13.97 -45.04 4.49
N ALA B 117 -14.48 -45.81 3.53
CA ALA B 117 -15.63 -46.69 3.77
C ALA B 117 -15.26 -47.81 4.75
N ALA B 118 -16.31 -48.35 5.40
CA ALA B 118 -16.09 -49.42 6.35
C ALA B 118 -15.56 -50.68 5.66
N ASP B 119 -16.07 -50.97 4.47
CA ASP B 119 -15.62 -52.13 3.71
C ASP B 119 -14.44 -51.81 2.79
N ALA B 120 -13.76 -50.69 3.02
CA ALA B 120 -12.52 -50.43 2.32
C ALA B 120 -11.49 -51.50 2.67
N GLY B 121 -10.47 -51.62 1.83
CA GLY B 121 -9.52 -52.67 2.12
C GLY B 121 -8.45 -52.36 3.13
N ILE B 122 -8.51 -51.20 3.78
CA ILE B 122 -7.44 -50.74 4.65
C ILE B 122 -8.08 -50.08 5.87
N SER B 123 -7.47 -50.30 7.05
CA SER B 123 -8.02 -49.74 8.28
C SER B 123 -7.72 -48.24 8.38
N PRO B 124 -8.51 -47.50 9.16
CA PRO B 124 -8.19 -46.08 9.39
C PRO B 124 -6.77 -45.87 9.90
N ILE B 125 -6.33 -46.68 10.87
CA ILE B 125 -5.00 -46.46 11.42
C ILE B 125 -3.92 -46.78 10.39
N LYS B 126 -4.14 -47.80 9.55
CA LYS B 126 -3.16 -48.09 8.50
C LYS B 126 -3.19 -47.01 7.41
N PHE B 127 -4.37 -46.47 7.10
CA PHE B 127 -4.42 -45.36 6.16
C PHE B 127 -3.61 -44.19 6.68
N ILE B 128 -3.76 -43.88 7.97
CA ILE B 128 -3.03 -42.77 8.57
C ILE B 128 -1.53 -43.00 8.47
N GLU B 129 -1.09 -44.26 8.65
CA GLU B 129 0.34 -44.56 8.61
C GLU B 129 0.87 -44.59 7.18
N LYS B 130 0.13 -45.19 6.26
CA LYS B 130 0.68 -45.52 4.94
C LYS B 130 0.32 -44.53 3.86
N LYS B 131 -0.86 -43.91 3.93
CA LYS B 131 -1.28 -43.04 2.86
C LYS B 131 -1.06 -41.57 3.17
N LEU B 132 -0.97 -41.19 4.44
CA LEU B 132 -0.61 -39.83 4.80
C LEU B 132 0.91 -39.71 4.94
N ASP B 133 1.41 -38.48 4.95
CA ASP B 133 2.84 -38.21 5.06
C ASP B 133 3.06 -36.92 5.83
N LEU B 134 4.24 -36.79 6.42
CA LEU B 134 4.68 -35.48 6.90
C LEU B 134 4.53 -34.46 5.78
N GLY B 135 4.00 -33.29 6.13
CA GLY B 135 3.76 -32.24 5.18
C GLY B 135 2.33 -32.19 4.69
N ASP B 136 1.57 -33.28 4.80
CA ASP B 136 0.17 -33.22 4.41
C ASP B 136 -0.57 -32.25 5.32
N ILE B 137 -1.54 -31.55 4.76
CA ILE B 137 -2.42 -30.68 5.52
C ILE B 137 -3.66 -31.47 5.87
N LEU B 138 -4.04 -31.44 7.14
CA LEU B 138 -5.09 -32.30 7.69
C LEU B 138 -6.11 -31.46 8.43
N GLY B 139 -7.37 -31.88 8.36
CA GLY B 139 -8.41 -31.36 9.22
C GLY B 139 -8.65 -32.38 10.33
N LEU B 140 -8.66 -31.88 11.56
CA LEU B 140 -8.76 -32.73 12.76
C LEU B 140 -9.99 -32.32 13.53
N GLU B 141 -10.83 -33.31 13.86
CA GLU B 141 -11.93 -33.13 14.80
C GLU B 141 -11.77 -34.18 15.90
N GLY B 142 -11.82 -33.74 17.16
CA GLY B 142 -11.57 -34.66 18.27
C GLY B 142 -11.66 -33.97 19.62
N TYR B 143 -11.18 -34.68 20.65
CA TYR B 143 -11.41 -34.30 22.03
C TYR B 143 -10.10 -33.94 22.74
N LEU B 144 -10.12 -32.82 23.46
CA LEU B 144 -8.95 -32.30 24.14
C LEU B 144 -8.64 -33.06 25.41
N PHE B 145 -7.35 -33.17 25.72
CA PHE B 145 -6.90 -33.67 27.01
C PHE B 145 -5.48 -33.19 27.27
N PHE B 146 -5.04 -33.39 28.51
CA PHE B 146 -3.67 -33.08 28.93
C PHE B 146 -2.91 -34.38 29.15
N THR B 147 -1.74 -34.50 28.55
CA THR B 147 -0.83 -35.53 29.02
C THR B 147 -0.40 -35.20 30.45
N HIS B 148 0.20 -36.18 31.12
CA HIS B 148 0.62 -35.94 32.50
C HIS B 148 1.80 -34.97 32.59
N SER B 149 2.51 -34.76 31.49
CA SER B 149 3.50 -33.70 31.41
C SER B 149 2.88 -32.33 31.14
N GLY B 150 1.56 -32.28 30.97
CA GLY B 150 0.87 -31.03 30.73
C GLY B 150 0.81 -30.61 29.27
N GLU B 151 1.02 -31.53 28.34
CA GLU B 151 0.99 -31.19 26.92
C GLU B 151 -0.45 -31.27 26.42
N LEU B 152 -0.95 -30.16 25.90
CA LEU B 152 -2.28 -30.14 25.32
C LEU B 152 -2.31 -31.05 24.10
N THR B 153 -3.24 -32.01 24.09
CA THR B 153 -3.30 -33.02 23.04
C THR B 153 -4.75 -33.17 22.57
N VAL B 154 -4.92 -33.63 21.35
CA VAL B 154 -6.24 -33.89 20.78
C VAL B 154 -6.33 -35.36 20.40
N LEU B 155 -7.28 -36.08 21.01
CA LEU B 155 -7.63 -37.44 20.59
C LEU B 155 -8.51 -37.32 19.36
N VAL B 156 -8.00 -37.75 18.21
CA VAL B 156 -8.66 -37.47 16.94
C VAL B 156 -9.80 -38.46 16.71
N GLU B 157 -11.02 -37.93 16.58
CA GLU B 157 -12.17 -38.74 16.21
C GLU B 157 -12.29 -38.91 14.70
N THR B 158 -12.02 -37.86 13.94
CA THR B 158 -12.05 -37.93 12.48
C THR B 158 -10.92 -37.09 11.91
N VAL B 159 -10.10 -37.69 11.06
CA VAL B 159 -9.09 -36.97 10.32
C VAL B 159 -9.52 -36.86 8.87
N THR B 160 -9.37 -35.67 8.29
CA THR B 160 -9.72 -35.38 6.91
C THR B 160 -8.46 -34.95 6.18
N LEU B 161 -8.12 -35.62 5.09
CA LEU B 161 -7.00 -35.18 4.27
C LEU B 161 -7.40 -33.92 3.52
N LEU B 162 -6.70 -32.82 3.76
CA LEU B 162 -7.05 -31.57 3.09
C LEU B 162 -6.10 -31.21 1.96
N CYS B 163 -4.84 -31.62 2.05
CA CYS B 163 -3.94 -31.43 0.91
C CYS B 163 -2.87 -32.49 0.98
N LYS B 164 -2.74 -33.26 -0.10
CA LYS B 164 -1.68 -34.26 -0.18
C LYS B 164 -0.41 -33.57 -0.67
N SER B 165 0.59 -33.45 0.19
CA SER B 165 1.84 -32.82 -0.21
C SER B 165 2.66 -33.79 -1.04
N LEU B 166 3.37 -33.27 -2.05
CA LEU B 166 4.10 -34.15 -2.94
C LEU B 166 5.61 -34.08 -2.76
N ILE B 167 6.11 -33.22 -1.89
CA ILE B 167 7.52 -33.26 -1.51
C ILE B 167 7.58 -33.26 0.01
N SER B 168 8.74 -33.63 0.53
CA SER B 168 8.96 -33.68 1.97
CA SER B 168 8.89 -33.69 1.98
C SER B 168 8.95 -32.28 2.59
N LEU B 169 8.77 -32.24 3.89
CA LEU B 169 8.96 -31.04 4.69
C LEU B 169 10.34 -30.47 4.41
N PRO B 170 10.54 -29.16 4.46
CA PRO B 170 11.91 -28.64 4.36
C PRO B 170 12.71 -29.15 5.54
N ASP B 171 14.03 -29.24 5.34
CA ASP B 171 14.92 -29.42 6.47
C ASP B 171 14.73 -28.27 7.44
N LYS B 172 14.55 -28.61 8.72
CA LYS B 172 14.15 -27.59 9.69
C LYS B 172 15.27 -26.61 9.96
N HIS B 173 16.53 -27.05 9.83
CA HIS B 173 17.67 -26.22 10.20
C HIS B 173 18.55 -26.05 8.97
N ALA B 174 18.39 -24.91 8.33
CA ALA B 174 19.06 -24.64 7.07
C ALA B 174 20.52 -24.28 7.30
N GLY B 175 21.38 -24.87 6.49
CA GLY B 175 22.73 -24.37 6.33
C GLY B 175 22.74 -23.19 5.39
N LEU B 176 23.94 -22.72 5.07
CA LEU B 176 24.09 -21.50 4.28
C LEU B 176 23.42 -21.64 2.91
N ALA B 177 23.65 -22.76 2.21
CA ALA B 177 23.11 -22.90 0.87
C ALA B 177 21.59 -22.98 0.88
N ASP B 178 21.02 -23.75 1.82
CA ASP B 178 19.56 -23.83 1.93
C ASP B 178 18.96 -22.48 2.28
N LYS B 179 19.64 -21.71 3.14
CA LYS B 179 19.12 -20.40 3.48
C LYS B 179 19.04 -19.51 2.25
N GLU B 180 20.07 -19.54 1.40
CA GLU B 180 20.04 -18.71 0.19
C GLU B 180 18.87 -19.07 -0.69
N ILE B 181 18.59 -20.37 -0.85
CA ILE B 181 17.48 -20.81 -1.69
C ILE B 181 16.14 -20.37 -1.08
N ARG B 182 16.04 -20.37 0.25
CA ARG B 182 14.79 -20.01 0.90
C ARG B 182 14.48 -18.52 0.82
N TYR B 183 15.43 -17.67 0.44
CA TYR B 183 15.04 -16.30 0.12
C TYR B 183 14.17 -16.23 -1.14
N ARG B 184 14.26 -17.24 -2.01
CA ARG B 184 13.32 -17.40 -3.12
C ARG B 184 12.16 -18.29 -2.73
N LYS B 185 12.47 -19.50 -2.25
CA LYS B 185 11.46 -20.46 -1.79
CA LYS B 185 11.46 -20.46 -1.79
C LYS B 185 11.04 -20.14 -0.35
N ARG B 186 10.50 -18.94 -0.18
CA ARG B 186 10.22 -18.42 1.17
C ARG B 186 9.25 -19.31 1.95
N TRP B 187 8.34 -20.02 1.26
CA TRP B 187 7.38 -20.87 1.98
C TRP B 187 8.07 -21.91 2.85
N ALA B 188 9.22 -22.42 2.39
CA ALA B 188 9.99 -23.40 3.18
C ALA B 188 10.58 -22.77 4.43
N ASP B 189 11.00 -21.50 4.33
CA ASP B 189 11.41 -20.74 5.52
C ASP B 189 10.26 -20.56 6.50
N LEU B 190 9.07 -20.21 5.98
CA LEU B 190 7.93 -19.93 6.85
C LEU B 190 7.43 -21.20 7.53
N ILE B 191 7.52 -22.33 6.85
CA ILE B 191 7.14 -23.58 7.48
C ILE B 191 8.11 -23.95 8.59
N SER B 192 9.41 -23.78 8.35
CA SER B 192 10.45 -24.34 9.21
CA SER B 192 10.38 -24.38 9.25
C SER B 192 10.83 -23.47 10.39
N SER B 193 10.72 -22.16 10.25
CA SER B 193 11.39 -21.27 11.19
C SER B 193 10.41 -20.39 11.94
N GLU B 194 10.28 -20.65 13.23
CA GLU B 194 9.49 -19.80 14.12
C GLU B 194 10.01 -18.36 14.10
N ASP B 195 11.34 -18.19 14.06
CA ASP B 195 11.92 -16.85 14.06
C ASP B 195 11.55 -16.08 12.80
N VAL B 196 11.56 -16.74 11.64
CA VAL B 196 11.19 -16.04 10.42
C VAL B 196 9.73 -15.63 10.47
N ARG B 197 8.86 -16.56 10.90
CA ARG B 197 7.45 -16.23 11.06
C ARG B 197 7.27 -15.03 11.97
N LYS B 198 7.97 -14.99 13.10
CA LYS B 198 7.78 -13.87 14.04
C LYS B 198 8.28 -12.55 13.43
N THR B 199 9.39 -12.59 12.71
CA THR B 199 9.85 -11.39 12.01
C THR B 199 8.76 -10.81 11.12
N PHE B 200 8.06 -11.66 10.36
CA PHE B 200 7.12 -11.10 9.40
C PHE B 200 5.81 -10.72 10.06
N LEU B 201 5.44 -11.37 11.16
CA LEU B 201 4.28 -10.90 11.92
C LEU B 201 4.56 -9.53 12.54
N THR B 202 5.75 -9.35 13.12
CA THR B 202 6.13 -8.04 13.64
C THR B 202 6.12 -6.97 12.55
N ARG B 203 6.63 -7.29 11.37
CA ARG B 203 6.62 -6.31 10.28
C ARG B 203 5.20 -5.82 10.02
N SER B 204 4.24 -6.74 9.87
CA SER B 204 2.86 -6.32 9.63
C SER B 204 2.32 -5.47 10.78
N ARG B 205 2.70 -5.81 12.01
CA ARG B 205 2.26 -4.99 13.16
CA ARG B 205 2.27 -4.99 13.15
C ARG B 205 2.87 -3.59 13.11
N ILE B 206 4.13 -3.48 12.67
CA ILE B 206 4.78 -2.18 12.53
C ILE B 206 4.04 -1.30 11.52
N LEU B 207 3.67 -1.86 10.37
CA LEU B 207 2.94 -1.08 9.38
C LEU B 207 1.61 -0.59 9.96
N LYS B 208 0.94 -1.44 10.74
CA LYS B 208 -0.31 -1.06 11.37
C LYS B 208 -0.10 0.04 12.42
N LEU B 209 0.98 -0.08 13.20
CA LEU B 209 1.26 0.93 14.22
C LEU B 209 1.59 2.29 13.60
N ILE B 210 2.29 2.29 12.46
CA ILE B 210 2.57 3.54 11.75
C ILE B 210 1.27 4.22 11.34
N ARG B 211 0.37 3.47 10.70
CA ARG B 211 -0.91 4.03 10.29
C ARG B 211 -1.70 4.55 11.49
N GLU B 212 -1.73 3.79 12.60
CA GLU B 212 -2.38 4.27 13.81
C GLU B 212 -1.83 5.61 14.23
N TYR B 213 -0.50 5.71 14.30
CA TYR B 213 0.09 6.95 14.81
C TYR B 213 -0.21 8.13 13.90
N MET B 214 0.00 7.95 12.58
CA MET B 214 -0.24 9.05 11.66
C MET B 214 -1.71 9.48 11.67
N ASP B 215 -2.62 8.52 11.79
CA ASP B 215 -4.04 8.84 11.83
C ASP B 215 -4.39 9.63 13.07
N GLN B 216 -3.84 9.26 14.23
CA GLN B 216 -4.08 10.02 15.46
C GLN B 216 -3.58 11.45 15.34
N GLN B 217 -2.55 11.68 14.53
CA GLN B 217 -2.05 13.02 14.27
C GLN B 217 -2.78 13.70 13.12
N SER B 218 -3.89 13.13 12.64
CA SER B 218 -4.75 13.73 11.62
C SER B 218 -4.09 13.79 10.24
N PHE B 219 -3.12 12.93 9.96
CA PHE B 219 -2.65 12.80 8.60
C PHE B 219 -3.63 11.93 7.81
N LEU B 220 -3.81 12.26 6.55
CA LEU B 220 -4.67 11.48 5.66
C LEU B 220 -3.79 10.62 4.75
N GLU B 221 -4.11 9.33 4.64
CA GLU B 221 -3.32 8.45 3.81
C GLU B 221 -3.82 8.52 2.37
N VAL B 222 -2.90 8.68 1.42
CA VAL B 222 -3.25 8.81 0.02
C VAL B 222 -2.40 7.83 -0.79
N GLU B 223 -2.73 7.70 -2.07
CA GLU B 223 -1.91 6.99 -3.04
C GLU B 223 -1.59 7.91 -4.20
N THR B 224 -0.37 7.85 -4.69
CA THR B 224 0.05 8.59 -5.88
C THR B 224 0.79 7.65 -6.83
N PRO B 225 0.98 8.05 -8.09
CA PRO B 225 1.43 7.08 -9.11
C PRO B 225 2.87 6.61 -8.92
N ILE B 226 3.08 5.31 -9.16
CA ILE B 226 4.43 4.77 -9.29
C ILE B 226 5.01 5.09 -10.66
N LEU B 227 4.19 4.98 -11.71
CA LEU B 227 4.64 5.27 -13.08
C LEU B 227 4.42 6.75 -13.37
N GLN B 228 5.50 7.45 -13.71
CA GLN B 228 5.47 8.87 -13.98
C GLN B 228 6.28 9.17 -15.24
N THR B 229 5.98 10.30 -15.86
CA THR B 229 6.80 10.75 -16.98
C THR B 229 8.06 11.48 -16.52
N VAL B 230 8.13 11.83 -15.23
CA VAL B 230 9.31 12.42 -14.60
C VAL B 230 9.69 11.56 -13.39
N TYR B 231 10.79 11.95 -12.75
CA TYR B 231 11.19 11.35 -11.47
C TYR B 231 11.96 12.41 -10.69
N GLY B 232 12.01 12.25 -9.38
CA GLY B 232 12.74 13.20 -8.58
C GLY B 232 12.42 13.01 -7.10
N GLY B 233 12.88 13.99 -6.32
CA GLY B 233 12.77 13.93 -4.87
C GLY B 233 13.80 13.05 -4.22
N ALA B 234 14.86 12.70 -4.93
CA ALA B 234 15.96 11.90 -4.41
C ALA B 234 17.05 11.87 -5.48
N GLU B 235 18.20 11.35 -5.12
CA GLU B 235 19.33 11.23 -6.04
C GLU B 235 19.53 9.74 -6.32
N ALA B 236 18.93 9.27 -7.42
CA ALA B 236 18.95 7.84 -7.70
C ALA B 236 18.69 7.59 -9.18
N THR B 237 19.27 6.49 -9.66
CA THR B 237 19.00 5.98 -11.00
C THR B 237 17.61 5.34 -11.02
N PRO B 238 16.77 5.67 -11.99
CA PRO B 238 15.42 5.10 -12.04
C PRO B 238 15.35 3.81 -12.84
N PHE B 239 14.27 3.07 -12.60
CA PHE B 239 13.79 2.07 -13.53
C PHE B 239 12.99 2.74 -14.65
N VAL B 240 13.11 2.22 -15.86
CA VAL B 240 12.44 2.75 -17.04
C VAL B 240 11.59 1.64 -17.65
N THR B 241 10.43 2.01 -18.18
CA THR B 241 9.56 1.02 -18.82
C THR B 241 8.81 1.72 -19.96
N THR B 242 8.03 0.94 -20.71
CA THR B 242 7.33 1.46 -21.88
C THR B 242 5.83 1.25 -21.73
N LEU B 243 5.07 2.34 -21.90
CA LEU B 243 3.62 2.26 -21.94
C LEU B 243 3.18 2.11 -23.39
N GLN B 244 2.55 0.98 -23.71
CA GLN B 244 2.24 0.68 -25.11
C GLN B 244 1.14 1.59 -25.65
N ALA B 245 0.12 1.88 -24.83
CA ALA B 245 -1.02 2.65 -25.31
C ALA B 245 -0.60 3.98 -25.90
N LEU B 246 0.31 4.69 -25.23
CA LEU B 246 0.78 6.00 -25.66
C LEU B 246 2.15 5.96 -26.34
N HIS B 247 2.73 4.77 -26.53
CA HIS B 247 4.10 4.59 -27.02
C HIS B 247 5.06 5.58 -26.35
N ALA B 248 5.21 5.42 -25.04
CA ALA B 248 5.86 6.42 -24.19
C ALA B 248 6.73 5.76 -23.12
N GLU B 249 7.91 6.31 -22.90
CA GLU B 249 8.75 5.91 -21.78
C GLU B 249 8.19 6.46 -20.47
N MET B 250 8.18 5.61 -19.45
CA MET B 250 7.79 5.99 -18.10
C MET B 250 8.89 5.61 -17.12
N PHE B 251 8.96 6.34 -16.02
CA PHE B 251 9.85 6.01 -14.92
C PHE B 251 9.04 5.49 -13.74
N LEU B 252 9.59 4.50 -13.05
CA LEU B 252 9.11 4.15 -11.72
C LEU B 252 9.70 5.14 -10.72
N ARG B 253 8.86 5.61 -9.80
CA ARG B 253 9.26 6.69 -8.91
C ARG B 253 10.41 6.26 -8.01
N ILE B 254 11.34 7.19 -7.77
CA ILE B 254 12.39 6.99 -6.78
C ILE B 254 12.03 7.56 -5.41
N SER B 255 10.91 8.30 -5.32
CA SER B 255 10.45 8.85 -4.04
C SER B 255 8.99 9.28 -4.21
N LEU B 256 8.39 9.73 -3.11
CA LEU B 256 6.99 10.14 -3.07
C LEU B 256 6.83 11.67 -3.07
N GLU B 257 7.93 12.41 -3.04
CA GLU B 257 7.92 13.78 -2.55
C GLU B 257 7.09 14.71 -3.42
N ILE B 258 7.36 14.74 -4.73
CA ILE B 258 6.75 15.75 -5.61
C ILE B 258 5.23 15.61 -5.61
N ALA B 259 4.75 14.38 -5.75
CA ALA B 259 3.31 14.15 -5.81
C ALA B 259 2.61 14.61 -4.52
N LEU B 260 3.22 14.34 -3.36
CA LEU B 260 2.58 14.75 -2.11
C LEU B 260 2.61 16.27 -1.97
N LYS B 261 3.70 16.91 -2.40
CA LYS B 261 3.75 18.37 -2.34
C LYS B 261 2.65 18.99 -3.18
N LYS B 262 2.33 18.38 -4.33
CA LYS B 262 1.22 18.90 -5.14
C LYS B 262 -0.10 18.82 -4.39
N LEU B 263 -0.26 17.80 -3.55
CA LEU B 263 -1.46 17.69 -2.73
C LEU B 263 -1.52 18.77 -1.65
N LEU B 264 -0.38 19.20 -1.12
CA LEU B 264 -0.36 20.36 -0.25
C LEU B 264 -0.87 21.60 -0.96
N VAL B 265 -0.36 21.85 -2.18
CA VAL B 265 -0.90 22.93 -3.00
C VAL B 265 -2.41 22.78 -3.13
N GLY B 266 -2.88 21.55 -3.34
CA GLY B 266 -4.30 21.28 -3.47
C GLY B 266 -5.10 21.46 -2.20
N GLY B 267 -4.46 21.80 -1.08
CA GLY B 267 -5.18 22.17 0.12
C GLY B 267 -5.24 21.11 1.20
N MET B 268 -4.69 19.92 0.96
CA MET B 268 -4.69 18.89 1.99
C MET B 268 -3.55 19.20 2.96
N SER B 269 -3.88 19.51 4.21
CA SER B 269 -2.88 20.08 5.10
C SER B 269 -1.95 19.01 5.69
N ARG B 270 -2.40 17.76 5.83
CA ARG B 270 -1.52 16.70 6.35
C ARG B 270 -1.79 15.42 5.57
N VAL B 271 -0.80 14.98 4.79
CA VAL B 271 -0.94 13.79 3.94
C VAL B 271 0.24 12.88 4.18
N TYR B 272 0.01 11.58 4.00
CA TYR B 272 1.13 10.66 3.95
C TYR B 272 0.79 9.53 2.98
N GLU B 273 1.83 8.85 2.55
CA GLU B 273 1.72 7.68 1.71
C GLU B 273 2.74 6.67 2.18
N ILE B 274 2.32 5.42 2.26
CA ILE B 274 3.24 4.30 2.48
C ILE B 274 3.25 3.52 1.18
N GLY B 275 4.38 3.54 0.48
CA GLY B 275 4.40 2.95 -0.85
C GLY B 275 5.76 2.45 -1.29
N LYS B 276 5.72 1.59 -2.29
CA LYS B 276 6.94 1.12 -2.94
C LYS B 276 7.59 2.24 -3.73
N VAL B 277 8.91 2.35 -3.57
CA VAL B 277 9.74 3.19 -4.40
C VAL B 277 10.86 2.30 -4.94
N PHE B 278 11.49 2.77 -6.01
CA PHE B 278 12.35 1.93 -6.82
C PHE B 278 13.62 2.69 -7.16
N ARG B 279 14.76 2.11 -6.81
CA ARG B 279 16.04 2.73 -7.11
C ARG B 279 16.90 1.68 -7.80
N ASN B 280 17.24 1.94 -9.06
CA ASN B 280 17.85 0.92 -9.92
C ASN B 280 19.36 0.91 -9.68
N GLU B 281 19.74 0.35 -8.53
CA GLU B 281 21.12 0.40 -8.09
C GLU B 281 21.58 -0.89 -7.43
N GLY B 282 22.58 -0.80 -6.56
CA GLY B 282 23.20 -1.99 -6.01
C GLY B 282 22.36 -2.66 -4.94
N ILE B 283 22.65 -3.94 -4.73
CA ILE B 283 21.95 -4.78 -3.76
C ILE B 283 22.93 -5.13 -2.64
N ASP B 284 22.55 -4.86 -1.40
CA ASP B 284 23.38 -5.23 -0.24
C ASP B 284 22.48 -5.35 0.98
N ARG B 285 23.11 -5.49 2.15
CA ARG B 285 22.42 -5.77 3.40
C ARG B 285 21.37 -4.72 3.78
N THR B 286 21.52 -3.49 3.27
CA THR B 286 20.55 -2.44 3.60
C THR B 286 19.93 -1.84 2.35
N HIS B 287 20.09 -2.48 1.18
CA HIS B 287 19.55 -1.96 -0.07
C HIS B 287 18.89 -3.08 -0.88
N ASN B 288 17.60 -2.94 -1.14
CA ASN B 288 16.88 -3.72 -2.13
C ASN B 288 16.32 -2.75 -3.15
N PRO B 289 16.35 -3.08 -4.45
CA PRO B 289 15.95 -2.08 -5.46
C PRO B 289 14.50 -1.62 -5.32
N GLU B 290 13.63 -2.47 -4.80
CA GLU B 290 12.26 -2.10 -4.47
C GLU B 290 12.15 -2.09 -2.96
N PHE B 291 11.71 -0.97 -2.38
CA PHE B 291 11.60 -0.89 -0.94
C PHE B 291 10.42 0.01 -0.59
N THR B 292 10.05 0.01 0.68
CA THR B 292 8.84 0.67 1.15
C THR B 292 9.21 1.92 1.93
N MET B 293 8.62 3.05 1.55
CA MET B 293 8.83 4.30 2.25
C MET B 293 7.50 4.80 2.78
N ILE B 294 7.55 5.47 3.92
CA ILE B 294 6.53 6.45 4.25
C ILE B 294 7.14 7.82 4.03
N GLU B 295 6.47 8.65 3.25
CA GLU B 295 6.66 10.08 3.30
C GLU B 295 5.41 10.74 3.87
N ALA B 296 5.60 11.79 4.66
CA ALA B 296 4.49 12.50 5.27
C ALA B 296 4.79 13.99 5.27
N TYR B 297 3.75 14.81 5.04
CA TYR B 297 3.91 16.26 4.98
C TYR B 297 2.82 16.94 5.78
N ALA B 298 3.21 17.91 6.59
CA ALA B 298 2.25 18.68 7.38
C ALA B 298 2.46 20.16 7.09
N ALA B 299 1.44 20.80 6.53
CA ALA B 299 1.48 22.23 6.34
C ALA B 299 1.66 22.94 7.68
N TYR B 300 2.40 24.06 7.64
CA TYR B 300 2.64 25.03 8.71
C TYR B 300 3.68 24.54 9.71
N TRP B 301 4.21 23.33 9.54
CA TRP B 301 5.33 22.79 10.30
C TRP B 301 6.67 23.16 9.65
N ASP B 302 7.71 23.17 10.48
CA ASP B 302 9.09 23.25 9.99
C ASP B 302 9.82 21.97 10.40
N TYR B 303 11.13 21.95 10.17
CA TYR B 303 11.85 20.70 10.41
C TYR B 303 11.98 20.39 11.89
N ASN B 304 11.81 21.38 12.77
CA ASN B 304 11.82 21.10 14.21
C ASN B 304 10.52 20.42 14.63
N ASP B 305 9.39 20.83 14.04
CA ASP B 305 8.16 20.09 14.23
C ASP B 305 8.29 18.65 13.73
N VAL B 306 8.92 18.47 12.57
CA VAL B 306 9.02 17.13 12.00
C VAL B 306 9.89 16.24 12.88
N MET B 307 10.98 16.80 13.42
CA MET B 307 11.86 16.03 14.30
C MET B 307 11.11 15.41 15.45
N LYS B 308 10.24 16.19 16.10
CA LYS B 308 9.44 15.66 17.20
C LYS B 308 8.48 14.58 16.72
N CYS B 309 7.87 14.78 15.55
CA CYS B 309 6.93 13.80 15.04
C CYS B 309 7.62 12.47 14.78
N VAL B 310 8.84 12.52 14.25
CA VAL B 310 9.54 11.30 13.83
C VAL B 310 10.00 10.49 15.04
N GLU B 311 10.60 11.15 16.03
CA GLU B 311 11.02 10.42 17.23
C GLU B 311 9.82 9.91 18.03
N ASN B 312 8.72 10.68 18.09
CA ASN B 312 7.53 10.21 18.79
C ASN B 312 6.89 9.04 18.07
N LEU B 313 6.90 9.05 16.74
CA LEU B 313 6.39 7.92 15.98
C LEU B 313 7.16 6.64 16.30
N VAL B 314 8.49 6.71 16.26
CA VAL B 314 9.29 5.52 16.48
C VAL B 314 9.17 5.05 17.93
N GLU B 315 9.20 5.97 18.89
CA GLU B 315 9.02 5.55 20.28
C GLU B 315 7.68 4.85 20.48
N TYR B 316 6.63 5.39 19.87
CA TYR B 316 5.30 4.78 19.94
C TYR B 316 5.32 3.35 19.41
N ILE B 317 5.99 3.13 18.28
CA ILE B 317 6.06 1.78 17.72
C ILE B 317 6.79 0.84 18.67
N VAL B 318 7.93 1.30 19.19
CA VAL B 318 8.75 0.44 20.03
C VAL B 318 8.04 0.10 21.33
N ARG B 319 7.39 1.09 21.96
CA ARG B 319 6.65 0.81 23.18
C ARG B 319 5.57 -0.23 22.95
N ALA B 320 4.84 -0.10 21.84
CA ALA B 320 3.74 -1.04 21.58
C ALA B 320 4.24 -2.45 21.34
N LEU B 321 5.46 -2.60 20.80
CA LEU B 321 6.03 -3.92 20.55
C LEU B 321 6.74 -4.52 21.76
N ASN B 322 7.17 -3.71 22.72
CA ASN B 322 8.05 -4.17 23.78
C ASN B 322 7.49 -3.83 25.15
N ASN B 323 6.17 -3.97 25.33
CA ASN B 323 5.52 -3.83 26.64
C ASN B 323 5.81 -2.49 27.29
N GLY B 324 5.82 -1.43 26.49
CA GLY B 324 6.08 -0.09 26.99
C GLY B 324 7.54 0.25 27.17
N GLU B 325 8.45 -0.70 27.01
CA GLU B 325 9.87 -0.41 27.04
C GLU B 325 10.29 0.27 25.73
N THR B 326 11.38 1.03 25.81
CA THR B 326 11.92 1.76 24.66
C THR B 326 13.28 1.26 24.23
N GLN B 327 13.84 0.29 24.94
CA GLN B 327 15.14 -0.27 24.62
C GLN B 327 14.98 -1.50 23.74
N VAL B 328 15.90 -1.65 22.78
CA VAL B 328 15.87 -2.73 21.81
C VAL B 328 17.29 -3.29 21.68
N GLN B 329 17.40 -4.61 21.58
CA GLN B 329 18.67 -5.29 21.36
C GLN B 329 18.87 -5.54 19.88
N TYR B 330 20.06 -5.22 19.37
CA TYR B 330 20.44 -5.51 17.99
C TYR B 330 21.78 -6.23 18.00
N SER B 331 21.87 -7.36 17.29
CA SER B 331 22.96 -8.30 17.48
C SER B 331 24.01 -8.31 16.37
N HIS B 332 23.78 -7.62 15.25
CA HIS B 332 24.52 -7.93 14.03
C HIS B 332 25.53 -6.87 13.63
N LEU B 333 25.79 -5.88 14.46
CA LEU B 333 26.86 -4.94 14.15
C LEU B 333 28.20 -5.64 14.28
N LYS B 334 29.14 -5.25 13.42
CA LYS B 334 30.50 -5.80 13.49
C LYS B 334 31.14 -5.51 14.84
N SER B 335 30.72 -4.44 15.51
CA SER B 335 31.24 -4.06 16.81
C SER B 335 30.63 -4.86 17.96
N GLY B 336 29.75 -5.82 17.68
CA GLY B 336 29.15 -6.62 18.72
C GLY B 336 27.72 -6.23 19.02
N PRO B 337 27.04 -7.01 19.85
CA PRO B 337 25.64 -6.72 20.17
C PRO B 337 25.50 -5.39 20.90
N GLN B 338 24.46 -4.65 20.53
CA GLN B 338 24.18 -3.35 21.11
C GLN B 338 22.79 -3.33 21.72
N VAL B 339 22.59 -2.42 22.66
CA VAL B 339 21.27 -2.03 23.10
C VAL B 339 21.10 -0.55 22.76
N VAL B 340 20.01 -0.23 22.06
CA VAL B 340 19.67 1.15 21.71
C VAL B 340 18.35 1.49 22.37
N ASP B 341 18.26 2.72 22.84
CA ASP B 341 17.07 3.23 23.50
C ASP B 341 16.43 4.25 22.57
N PHE B 342 15.19 3.98 22.16
CA PHE B 342 14.47 4.85 21.25
C PHE B 342 13.62 5.89 21.97
N LYS B 343 13.77 6.02 23.30
CA LYS B 343 13.03 7.04 24.04
C LYS B 343 13.31 8.44 23.48
N ALA B 344 12.25 9.21 23.28
CA ALA B 344 12.37 10.60 22.86
C ALA B 344 12.69 11.49 24.05
N PRO B 345 13.40 12.62 23.84
CA PRO B 345 13.95 13.08 22.57
C PRO B 345 15.27 12.41 22.21
N TRP B 346 15.48 12.17 20.92
CA TRP B 346 16.76 11.64 20.49
C TRP B 346 17.82 12.75 20.51
N ILE B 347 19.08 12.33 20.44
CA ILE B 347 20.20 13.27 20.35
C ILE B 347 20.06 14.12 19.10
N ARG B 348 20.27 15.42 19.26
CA ARG B 348 20.33 16.38 18.16
C ARG B 348 21.73 16.94 18.07
N MET B 349 22.29 16.95 16.86
CA MET B 349 23.56 17.61 16.59
C MET B 349 23.52 18.17 15.18
N THR B 350 24.19 19.29 14.97
CA THR B 350 24.44 19.70 13.61
C THR B 350 25.45 18.75 12.97
N MET B 351 25.50 18.77 11.64
CA MET B 351 26.50 17.96 10.95
C MET B 351 27.91 18.39 11.36
N LYS B 352 28.16 19.69 11.45
CA LYS B 352 29.45 20.18 11.91
C LYS B 352 29.77 19.66 13.31
N GLU B 353 28.82 19.78 14.23
CA GLU B 353 29.03 19.28 15.59
C GLU B 353 29.36 17.78 15.59
N SER B 354 28.66 17.01 14.76
CA SER B 354 28.90 15.56 14.77
C SER B 354 30.27 15.21 14.21
N ILE B 355 30.82 16.06 13.32
CA ILE B 355 32.16 15.78 12.81
C ILE B 355 33.21 16.06 13.86
N SER B 356 32.99 17.06 14.72
CA SER B 356 33.90 17.30 15.84
C SER B 356 33.78 16.20 16.87
N VAL B 357 32.55 15.90 17.30
CA VAL B 357 32.34 14.99 18.43
C VAL B 357 32.79 13.58 18.08
N TYR B 358 32.37 13.07 16.91
CA TYR B 358 32.66 11.69 16.56
C TYR B 358 33.84 11.54 15.61
N GLY B 359 34.09 12.52 14.75
CA GLY B 359 35.19 12.42 13.80
C GLY B 359 36.50 12.94 14.34
N GLY B 360 36.45 13.91 15.23
CA GLY B 360 37.64 14.55 15.76
C GLY B 360 38.14 15.72 14.95
N VAL B 361 37.28 16.39 14.19
CA VAL B 361 37.67 17.45 13.28
C VAL B 361 36.70 18.61 13.45
N ASP B 362 37.21 19.76 13.88
CA ASP B 362 36.43 21.00 13.89
C ASP B 362 36.50 21.59 12.48
N VAL B 363 35.44 21.40 11.71
CA VAL B 363 35.46 21.70 10.28
C VAL B 363 35.82 23.16 10.03
N ASP B 364 35.27 24.08 10.84
CA ASP B 364 35.40 25.50 10.54
C ASP B 364 36.75 26.08 10.95
N LEU B 365 37.60 25.30 11.61
CA LEU B 365 38.97 25.74 11.89
C LEU B 365 39.91 25.47 10.73
N HIS B 366 39.48 24.73 9.71
CA HIS B 366 40.30 24.37 8.57
C HIS B 366 39.81 25.05 7.31
N ALA B 367 40.74 25.50 6.47
CA ALA B 367 40.40 25.92 5.13
C ALA B 367 40.08 24.69 4.27
N ASP B 368 39.63 24.94 3.04
CA ASP B 368 39.23 23.84 2.16
C ASP B 368 40.40 22.90 1.89
N HIS B 369 41.60 23.45 1.64
CA HIS B 369 42.76 22.63 1.33
C HIS B 369 43.07 21.67 2.46
N GLU B 370 42.90 22.13 3.71
CA GLU B 370 43.21 21.27 4.84
C GLU B 370 42.21 20.13 4.99
N LEU B 371 40.94 20.39 4.66
CA LEU B 371 39.93 19.34 4.74
C LEU B 371 40.28 18.18 3.82
N ARG B 372 40.78 18.47 2.61
CA ARG B 372 41.06 17.42 1.65
C ARG B 372 42.19 16.51 2.13
N LYS B 373 43.22 17.10 2.74
CA LYS B 373 44.34 16.28 3.24
C LYS B 373 43.87 15.30 4.31
N ILE B 374 42.96 15.74 5.19
CA ILE B 374 42.39 14.84 6.18
C ILE B 374 41.66 13.68 5.52
N LEU B 375 40.91 13.97 4.44
CA LEU B 375 40.21 12.91 3.72
C LEU B 375 41.19 11.95 3.06
N GLU B 376 42.31 12.47 2.54
CA GLU B 376 43.34 11.60 1.98
C GLU B 376 43.90 10.67 3.04
N THR B 377 44.27 11.23 4.20
CA THR B 377 44.99 10.47 5.21
C THR B 377 44.07 9.61 6.07
N GLN B 378 42.93 10.15 6.49
CA GLN B 378 42.08 9.48 7.48
C GLN B 378 40.94 8.67 6.88
N THR B 379 40.73 8.74 5.57
CA THR B 379 39.70 7.94 4.92
C THR B 379 40.31 7.22 3.72
N SER B 380 39.52 6.30 3.16
CA SER B 380 39.91 5.56 1.97
C SER B 380 39.20 6.05 0.73
N LEU B 381 38.61 7.24 0.78
CA LEU B 381 37.97 7.79 -0.41
C LEU B 381 39.02 8.01 -1.50
N PRO B 382 38.71 7.67 -2.75
CA PRO B 382 39.67 7.90 -3.84
C PRO B 382 39.91 9.38 -4.04
N GLU B 383 41.07 9.69 -4.63
CA GLU B 383 41.43 11.08 -4.87
C GLU B 383 40.38 11.81 -5.71
N LYS B 384 39.77 11.10 -6.67
CA LYS B 384 38.79 11.74 -7.56
C LYS B 384 37.58 12.26 -6.80
N THR B 385 37.29 11.70 -5.62
CA THR B 385 36.10 12.10 -4.88
C THR B 385 36.23 13.51 -4.31
N TYR B 386 37.41 13.86 -3.77
CA TYR B 386 37.57 15.08 -3.00
C TYR B 386 38.53 16.08 -3.62
N VAL B 387 39.20 15.76 -4.72
CA VAL B 387 40.24 16.63 -5.25
C VAL B 387 39.67 17.98 -5.69
N HIS B 388 38.43 18.00 -6.18
CA HIS B 388 37.85 19.25 -6.67
C HIS B 388 36.45 19.51 -6.11
N ALA B 389 36.12 18.91 -4.97
CA ALA B 389 34.79 19.11 -4.38
C ALA B 389 34.71 20.44 -3.65
N SER B 390 33.48 20.92 -3.46
CA SER B 390 33.26 22.20 -2.79
C SER B 390 33.32 22.01 -1.28
N ARG B 391 33.22 23.12 -0.55
CA ARG B 391 33.35 23.04 0.91
C ARG B 391 32.20 22.24 1.50
N GLY B 392 30.97 22.52 1.08
CA GLY B 392 29.84 21.75 1.57
C GLY B 392 29.94 20.29 1.22
N GLU B 393 30.36 20.00 -0.02
CA GLU B 393 30.55 18.61 -0.43
C GLU B 393 31.63 17.93 0.41
N LEU B 394 32.67 18.67 0.75
CA LEU B 394 33.74 18.10 1.57
C LEU B 394 33.26 17.82 2.98
N ILE B 395 32.41 18.70 3.53
CA ILE B 395 31.86 18.47 4.86
C ILE B 395 30.96 17.24 4.86
N ALA B 396 30.11 17.12 3.83
CA ALA B 396 29.25 15.94 3.73
C ALA B 396 30.07 14.66 3.65
N LEU B 397 31.24 14.72 3.00
CA LEU B 397 32.10 13.55 2.90
C LEU B 397 32.73 13.21 4.25
N LEU B 398 33.16 14.24 5.00
CA LEU B 398 33.74 14.00 6.31
C LEU B 398 32.75 13.31 7.25
N PHE B 399 31.48 13.71 7.16
CA PHE B 399 30.44 13.05 7.93
C PHE B 399 30.31 11.58 7.53
N ASP B 400 30.23 11.31 6.22
CA ASP B 400 30.08 9.94 5.74
C ASP B 400 31.19 9.03 6.29
N GLU B 401 32.41 9.55 6.36
CA GLU B 401 33.55 8.68 6.65
C GLU B 401 33.95 8.67 8.13
N LEU B 402 33.83 9.79 8.83
CA LEU B 402 34.29 9.87 10.21
C LEU B 402 33.17 9.76 11.25
N VAL B 403 31.90 9.83 10.85
CA VAL B 403 30.80 9.99 11.81
C VAL B 403 29.76 8.88 11.66
N CYS B 404 29.24 8.68 10.44
CA CYS B 404 28.02 7.90 10.25
C CYS B 404 28.08 6.54 10.96
N ASP B 405 29.18 5.80 10.80
CA ASP B 405 29.31 4.50 11.44
C ASP B 405 29.24 4.57 12.96
N LYS B 406 29.51 5.73 13.56
CA LYS B 406 29.53 5.84 15.01
C LYS B 406 28.17 6.17 15.60
N LEU B 407 27.18 6.49 14.77
CA LEU B 407 25.87 6.89 15.28
C LEU B 407 25.08 5.62 15.59
N ILE B 408 25.28 5.08 16.79
CA ILE B 408 24.64 3.84 17.21
C ILE B 408 23.29 4.14 17.86
N ALA B 409 23.31 4.93 18.93
CA ALA B 409 22.07 5.43 19.51
C ALA B 409 21.33 6.28 18.48
N PRO B 410 20.03 6.51 18.66
CA PRO B 410 19.29 7.34 17.70
C PRO B 410 19.81 8.78 17.72
N HIS B 411 20.09 9.32 16.54
CA HIS B 411 20.60 10.67 16.36
C HIS B 411 19.81 11.39 15.29
N HIS B 412 19.50 12.66 15.53
CA HIS B 412 19.09 13.59 14.50
C HIS B 412 20.29 14.44 14.15
N ILE B 413 20.68 14.44 12.87
CA ILE B 413 21.80 15.25 12.39
C ILE B 413 21.22 16.38 11.56
N THR B 414 21.47 17.62 11.97
CA THR B 414 20.76 18.78 11.44
C THR B 414 21.68 19.69 10.64
N ASP B 415 21.04 20.52 9.82
CA ASP B 415 21.70 21.63 9.14
C ASP B 415 22.77 21.14 8.19
N HIS B 416 22.34 20.62 7.03
CA HIS B 416 23.24 20.08 6.01
C HIS B 416 23.63 21.15 5.01
N PRO B 417 24.75 20.97 4.31
CA PRO B 417 25.12 21.93 3.26
C PRO B 417 24.05 21.99 2.17
N LEU B 418 23.93 23.19 1.58
CA LEU B 418 22.96 23.41 0.51
C LEU B 418 23.16 22.42 -0.63
N GLU B 419 24.39 21.94 -0.81
CA GLU B 419 24.72 21.04 -1.90
C GLU B 419 23.95 19.73 -1.80
N THR B 420 23.48 19.36 -0.60
CA THR B 420 22.92 18.04 -0.43
C THR B 420 21.50 17.92 -0.96
N THR B 421 20.80 19.03 -1.19
CA THR B 421 19.42 18.93 -1.67
C THR B 421 18.97 20.26 -2.25
N PRO B 422 18.14 20.22 -3.29
CA PRO B 422 17.53 21.46 -3.83
C PRO B 422 16.10 21.73 -3.37
N LEU B 423 15.57 21.00 -2.40
CA LEU B 423 14.15 21.10 -2.07
C LEU B 423 13.90 21.60 -0.65
N CYS B 424 14.91 22.20 -0.02
CA CYS B 424 14.85 22.58 1.38
C CYS B 424 15.18 24.06 1.52
N LYS B 425 14.52 24.73 2.46
CA LYS B 425 14.85 26.11 2.74
C LYS B 425 16.21 26.19 3.45
N THR B 426 16.89 27.32 3.27
CA THR B 426 18.13 27.51 4.00
C THR B 426 17.83 27.98 5.43
N LEU B 427 18.87 27.98 6.26
CA LEU B 427 18.73 28.32 7.66
C LEU B 427 18.09 29.70 7.82
N ARG B 428 17.03 29.75 8.65
CA ARG B 428 16.29 30.99 8.84
C ARG B 428 17.15 32.09 9.43
N SER B 429 18.30 31.76 10.03
CA SER B 429 19.19 32.78 10.57
C SER B 429 19.79 33.64 9.47
N GLY B 430 19.80 33.18 8.23
CA GLY B 430 20.40 33.90 7.13
C GLY B 430 21.62 33.21 6.55
N ASP B 431 22.10 32.16 7.19
CA ASP B 431 23.20 31.35 6.68
C ASP B 431 22.68 30.57 5.48
N GLU B 432 23.01 31.02 4.27
CA GLU B 432 22.51 30.40 3.05
C GLU B 432 23.39 29.26 2.54
N THR B 433 24.41 28.87 3.31
CA THR B 433 25.24 27.71 2.97
C THR B 433 24.75 26.42 3.61
N LEU B 434 23.74 26.50 4.49
CA LEU B 434 23.19 25.33 5.15
C LEU B 434 21.67 25.34 5.00
N VAL B 435 21.09 24.14 4.95
CA VAL B 435 19.63 23.99 4.82
C VAL B 435 19.07 23.36 6.08
N GLU B 436 17.80 23.69 6.37
CA GLU B 436 17.07 23.15 7.52
C GLU B 436 16.60 21.74 7.18
N ARG B 437 17.58 20.85 7.07
CA ARG B 437 17.37 19.44 6.84
C ARG B 437 17.87 18.68 8.06
N PHE B 438 17.26 17.52 8.32
CA PHE B 438 17.90 16.58 9.23
C PHE B 438 17.77 15.17 8.67
N GLU B 439 18.75 14.33 9.01
CA GLU B 439 18.69 12.90 8.77
C GLU B 439 18.85 12.19 10.09
N SER B 440 18.00 11.20 10.34
CA SER B 440 18.03 10.43 11.56
C SER B 440 18.81 9.13 11.34
N PHE B 441 19.69 8.81 12.28
CA PHE B 441 20.56 7.66 12.18
C PHE B 441 20.41 6.79 13.42
N CYS B 442 20.45 5.48 13.20
CA CYS B 442 20.48 4.53 14.31
C CYS B 442 21.25 3.31 13.86
N LEU B 443 22.06 2.76 14.77
CA LEU B 443 22.85 1.55 14.49
C LEU B 443 23.70 1.73 13.23
N GLY B 444 24.22 2.94 13.04
CA GLY B 444 25.12 3.25 11.95
C GLY B 444 24.47 3.49 10.61
N LYS B 445 23.14 3.46 10.52
CA LYS B 445 22.43 3.48 9.24
C LYS B 445 21.40 4.60 9.23
N GLU B 446 21.19 5.17 8.04
CA GLU B 446 20.25 6.25 7.87
C GLU B 446 18.82 5.72 7.91
N LEU B 447 17.97 6.45 8.62
CA LEU B 447 16.60 6.04 8.87
C LEU B 447 15.56 7.02 8.36
N CYS B 448 15.86 8.32 8.36
CA CYS B 448 14.88 9.34 8.05
C CYS B 448 15.55 10.52 7.36
N ASN B 449 14.79 11.20 6.51
CA ASN B 449 15.23 12.40 5.81
C ASN B 449 14.08 13.40 5.85
N ALA B 450 14.36 14.65 6.25
CA ALA B 450 13.30 15.61 6.53
C ALA B 450 13.77 17.04 6.26
N TYR B 451 12.84 17.89 5.83
CA TYR B 451 13.09 19.29 5.48
C TYR B 451 12.05 20.22 6.07
N SER B 452 12.47 21.47 6.30
CA SER B 452 11.59 22.62 6.19
C SER B 452 11.41 22.88 4.70
N GLU B 453 10.23 22.56 4.17
CA GLU B 453 10.08 22.41 2.74
C GLU B 453 10.19 23.74 2.01
N LEU B 454 10.88 23.73 0.88
CA LEU B 454 11.02 24.93 0.08
C LEU B 454 9.74 25.17 -0.72
N ASN B 455 9.18 26.37 -0.59
CA ASN B 455 7.98 26.72 -1.35
C ASN B 455 8.11 28.08 -2.05
N ASP B 456 9.30 28.69 -2.05
CA ASP B 456 9.59 29.87 -2.85
C ASP B 456 9.82 29.43 -4.29
N PRO B 457 8.89 29.73 -5.21
CA PRO B 457 8.99 29.13 -6.55
C PRO B 457 10.19 29.63 -7.34
N LEU B 458 10.54 30.91 -7.20
CA LEU B 458 11.73 31.42 -7.90
C LEU B 458 13.00 30.80 -7.33
N GLN B 459 13.10 30.71 -6.01
CA GLN B 459 14.25 30.05 -5.41
C GLN B 459 14.28 28.55 -5.74
N GLN B 460 13.11 27.92 -5.83
CA GLN B 460 13.08 26.50 -6.18
C GLN B 460 13.58 26.28 -7.61
N ARG B 461 13.13 27.11 -8.55
CA ARG B 461 13.62 26.98 -9.93
C ARG B 461 15.13 27.15 -9.98
N LYS B 462 15.67 28.15 -9.28
CA LYS B 462 17.10 28.41 -9.34
C LYS B 462 17.91 27.22 -8.83
N LEU B 463 17.44 26.57 -7.76
CA LEU B 463 18.20 25.45 -7.22
C LEU B 463 18.13 24.24 -8.14
N LEU B 464 16.98 24.02 -8.77
CA LEU B 464 16.89 22.91 -9.72
C LEU B 464 17.69 23.20 -10.98
N GLU B 465 17.84 24.48 -11.33
CA GLU B 465 18.71 24.83 -12.44
C GLU B 465 20.17 24.58 -12.08
N GLU B 466 20.61 25.08 -10.92
CA GLU B 466 21.99 24.88 -10.52
C GLU B 466 22.31 23.42 -10.24
N GLN B 467 21.31 22.61 -9.86
CA GLN B 467 21.60 21.21 -9.58
C GLN B 467 21.97 20.46 -10.85
N MET B 468 21.19 20.65 -11.92
CA MET B 468 21.39 19.84 -13.11
C MET B 468 22.59 20.31 -13.92
N ARG B 469 22.89 21.61 -13.90
CA ARG B 469 24.15 22.08 -14.48
C ARG B 469 25.33 21.38 -13.83
N LYS B 470 25.26 21.17 -12.51
CA LYS B 470 26.30 20.40 -11.83
C LYS B 470 26.17 18.91 -12.12
N LYS B 471 24.94 18.39 -12.12
CA LYS B 471 24.73 16.97 -12.41
C LYS B 471 25.16 16.63 -13.83
N ALA B 472 24.91 17.54 -14.77
CA ALA B 472 25.34 17.33 -16.15
C ALA B 472 26.85 17.47 -16.33
N LEU B 473 27.56 17.94 -15.30
CA LEU B 473 29.02 17.96 -15.37
C LEU B 473 29.59 16.55 -15.43
N ASN B 474 28.96 15.63 -14.72
CA ASN B 474 29.31 14.22 -14.87
C ASN B 474 28.75 13.71 -16.19
N PRO B 475 29.59 13.16 -17.07
CA PRO B 475 29.07 12.60 -18.34
C PRO B 475 28.26 11.33 -18.17
N ASP B 476 28.14 10.78 -16.97
CA ASP B 476 27.42 9.52 -16.78
C ASP B 476 26.03 9.72 -16.19
N SER B 477 25.76 10.84 -15.53
CA SER B 477 24.44 11.09 -14.97
C SER B 477 23.42 11.28 -16.08
N GLU B 478 22.34 10.50 -16.03
CA GLU B 478 21.29 10.64 -17.02
C GLU B 478 20.69 12.03 -16.95
N TYR B 479 20.49 12.66 -18.10
CA TYR B 479 19.95 14.01 -18.12
C TYR B 479 18.56 14.03 -17.47
N HIS B 480 18.28 15.15 -16.81
CA HIS B 480 17.09 15.26 -15.96
C HIS B 480 16.43 16.62 -16.21
N PRO B 481 15.37 16.67 -17.01
CA PRO B 481 14.73 17.96 -17.31
C PRO B 481 13.94 18.50 -16.11
N ILE B 482 13.90 19.83 -16.02
CA ILE B 482 13.26 20.48 -14.89
C ILE B 482 11.76 20.17 -14.89
N ASP B 483 11.24 19.78 -13.72
CA ASP B 483 9.83 19.42 -13.58
C ASP B 483 9.01 20.71 -13.52
N GLU B 484 8.54 21.14 -14.69
CA GLU B 484 7.81 22.40 -14.80
C GLU B 484 6.45 22.33 -14.12
N GLU B 485 5.79 21.17 -14.19
CA GLU B 485 4.48 21.06 -13.54
C GLU B 485 4.62 21.29 -12.03
N PHE B 486 5.72 20.82 -11.45
CA PHE B 486 5.96 21.07 -10.03
C PHE B 486 6.13 22.57 -9.75
N LEU B 487 6.95 23.25 -10.57
CA LEU B 487 7.13 24.68 -10.37
C LEU B 487 5.82 25.44 -10.54
N GLU B 488 4.95 24.99 -11.46
CA GLU B 488 3.68 25.67 -11.61
C GLU B 488 2.81 25.48 -10.39
N ALA B 489 2.84 24.29 -9.80
CA ALA B 489 2.11 24.05 -8.56
C ALA B 489 2.62 24.95 -7.43
N LEU B 490 3.94 25.14 -7.34
CA LEU B 490 4.47 26.05 -6.31
C LEU B 490 4.04 27.49 -6.56
N CYS B 491 3.88 27.89 -7.82
CA CYS B 491 3.35 29.22 -8.13
C CYS B 491 1.91 29.35 -7.67
N GLN B 492 1.11 28.29 -7.82
CA GLN B 492 -0.23 28.27 -7.24
C GLN B 492 -0.15 28.53 -5.74
N GLY B 493 0.88 27.99 -5.10
CA GLY B 493 1.12 28.31 -3.72
C GLY B 493 1.09 27.08 -2.82
N MET B 494 2.25 26.69 -2.35
CA MET B 494 2.31 25.64 -1.35
C MET B 494 2.48 26.28 0.02
N PRO B 495 1.72 25.87 1.02
CA PRO B 495 1.92 26.41 2.37
C PRO B 495 3.33 26.10 2.84
N PRO B 496 3.85 26.84 3.82
CA PRO B 496 5.05 26.34 4.50
C PRO B 496 4.73 24.96 5.02
N ALA B 497 5.70 24.06 4.99
CA ALA B 497 5.43 22.69 5.38
C ALA B 497 6.71 22.05 5.89
N GLY B 498 6.53 21.03 6.71
CA GLY B 498 7.61 20.15 7.09
C GLY B 498 7.29 18.73 6.69
N GLY B 499 8.24 18.03 6.08
CA GLY B 499 8.01 16.70 5.59
C GLY B 499 9.15 15.77 5.97
N PHE B 500 8.85 14.47 5.99
CA PHE B 500 9.87 13.46 6.25
C PHE B 500 9.62 12.23 5.40
N GLY B 501 10.68 11.43 5.25
CA GLY B 501 10.62 10.13 4.61
C GLY B 501 11.41 9.13 5.41
N ILE B 502 10.81 7.97 5.71
CA ILE B 502 11.44 6.94 6.51
C ILE B 502 11.51 5.68 5.68
N GLY B 503 12.69 5.08 5.62
CA GLY B 503 12.82 3.75 5.02
C GLY B 503 12.26 2.71 5.97
N ILE B 504 11.06 2.22 5.66
CA ILE B 504 10.35 1.36 6.61
C ILE B 504 11.04 0.00 6.76
N ASP B 505 11.62 -0.53 5.68
CA ASP B 505 12.31 -1.81 5.79
C ASP B 505 13.48 -1.70 6.76
N ARG B 506 14.23 -0.60 6.71
CA ARG B 506 15.32 -0.41 7.65
C ARG B 506 14.81 -0.33 9.09
N LEU B 507 13.70 0.39 9.31
CA LEU B 507 13.11 0.43 10.65
C LEU B 507 12.74 -0.97 11.13
N VAL B 508 12.13 -1.77 10.25
CA VAL B 508 11.75 -3.13 10.62
C VAL B 508 12.99 -3.96 11.00
N MET B 509 14.09 -3.79 10.27
CA MET B 509 15.33 -4.51 10.61
C MET B 509 15.79 -4.18 12.03
N MET B 510 15.73 -2.90 12.40
CA MET B 510 16.23 -2.49 13.70
C MET B 510 15.37 -3.04 14.83
N LEU B 511 14.08 -3.23 14.54
CA LEU B 511 13.10 -3.64 15.53
C LEU B 511 12.84 -5.13 15.56
N THR B 512 13.39 -5.89 14.62
CA THR B 512 13.23 -7.34 14.60
C THR B 512 14.57 -8.05 14.69
N ASP B 513 15.65 -7.31 14.95
CA ASP B 513 17.01 -7.87 15.01
C ASP B 513 17.33 -8.66 13.73
N ALA B 514 17.02 -8.04 12.58
CA ALA B 514 17.30 -8.63 11.28
C ALA B 514 18.68 -8.19 10.81
N ALA B 515 19.52 -9.16 10.45
CA ALA B 515 20.86 -8.84 9.97
C ALA B 515 20.84 -8.22 8.58
N SER B 516 19.79 -8.44 7.80
CA SER B 516 19.80 -8.05 6.39
C SER B 516 18.40 -7.63 5.96
N ILE B 517 18.33 -6.72 5.00
CA ILE B 517 17.02 -6.35 4.48
C ILE B 517 16.32 -7.55 3.86
N ARG B 518 17.10 -8.51 3.34
CA ARG B 518 16.53 -9.73 2.80
C ARG B 518 15.73 -10.51 3.84
N ASP B 519 15.98 -10.27 5.13
CA ASP B 519 15.26 -10.94 6.21
C ASP B 519 13.92 -10.30 6.55
N VAL B 520 13.62 -9.11 6.03
CA VAL B 520 12.35 -8.45 6.30
C VAL B 520 11.51 -8.29 5.04
N LEU B 521 11.94 -8.84 3.93
CA LEU B 521 11.14 -8.89 2.70
C LEU B 521 10.78 -10.35 2.43
N PHE B 522 9.51 -10.61 2.13
CA PHE B 522 9.14 -11.99 1.81
C PHE B 522 9.95 -12.50 0.63
N PHE B 523 10.12 -11.68 -0.40
CA PHE B 523 10.71 -12.10 -1.65
C PHE B 523 11.70 -11.04 -2.12
N PRO B 524 12.87 -10.97 -1.49
CA PRO B 524 13.89 -9.99 -1.93
C PRO B 524 14.43 -10.33 -3.30
N VAL B 525 14.99 -9.30 -3.96
CA VAL B 525 15.63 -9.51 -5.24
C VAL B 525 16.83 -10.44 -5.07
N MET B 526 16.90 -11.48 -5.91
CA MET B 526 17.93 -12.50 -5.82
C MET B 526 18.54 -12.73 -7.19
N ARG B 527 19.82 -13.08 -7.20
CA ARG B 527 20.48 -13.53 -8.42
C ARG B 527 19.81 -14.79 -8.95
N ARG B 528 19.85 -14.95 -10.27
CA ARG B 528 19.14 -16.04 -10.96
C ARG B 528 19.45 -17.41 -10.38
#